data_8XDH
#
_entry.id   8XDH
#
loop_
_entity.id
_entity.type
_entity.pdbx_description
1 polymer 'Urea transporter'
2 non-polymer UREA
#
_entity_poly.entity_id   1
_entity_poly.type   'polypeptide(L)'
_entity_poly.pdbx_seq_one_letter_code
;MANPVHKITDEKKQQGLEKINSGQRFKANLIKWVSFISGDMAAFGEWMKGQFILLQIMDWVLRGAAQVMFVNNPLSGLII
FAGLILQNRWWALNGFVGTVFATISALILCQNRGAIAAGLYGYNGILVGLLMAVFSNAGDWYWWLLLPNIFMSMACPIVS
SALASINSRWDLPVFTLPFNILVCLHMVATGHYNQYFPQILIQPTTSMSNLTWSELDYAQLFRSIPVGIGQVYGCDNAWT
GGIFMIALFISSPITFAHATIGSAVGMVSGLALAAPFKNIYMGLWGYNCVLACIAIGGMFYALTWQTHLLAVACAFFCAY
LGSAIGNVMSNFGLPACTWPFCLSALTFLLITTETKFIHKLPLAKVAYPEQNLRYYWKMKKEEKTQKGIQAKDTESQLEK
EQISISMEKKDLDICTVDVQQEENTL
;
_entity_poly.pdbx_strand_id   A,B,C
#
# COMPACT_ATOMS: atom_id res chain seq x y z
N ALA A 28 -3.04 -31.02 44.60
CA ALA A 28 -4.24 -30.24 44.31
C ALA A 28 -4.02 -28.76 44.53
N ASN A 29 -3.18 -28.45 45.51
CA ASN A 29 -2.84 -27.06 45.72
C ASN A 29 -2.13 -26.62 44.46
N LEU A 30 -1.28 -27.48 43.94
CA LEU A 30 -0.59 -27.18 42.72
C LEU A 30 -1.52 -27.02 41.57
N ILE A 31 -2.53 -27.85 41.41
CA ILE A 31 -3.38 -27.62 40.29
C ILE A 31 -4.02 -26.27 40.43
N LYS A 32 -4.47 -25.93 41.62
CA LYS A 32 -5.19 -24.67 41.72
C LYS A 32 -4.27 -23.53 41.40
N TRP A 33 -3.06 -23.63 41.88
CA TRP A 33 -2.13 -22.57 41.65
C TRP A 33 -1.71 -22.38 40.23
N VAL A 34 -1.51 -23.48 39.55
CA VAL A 34 -1.16 -23.38 38.17
C VAL A 34 -2.33 -22.77 37.44
N SER A 35 -3.55 -23.10 37.82
CA SER A 35 -4.68 -22.53 37.15
C SER A 35 -4.69 -21.07 37.34
N PHE A 36 -4.39 -20.62 38.53
CA PHE A 36 -4.30 -19.19 38.78
C PHE A 36 -3.20 -18.47 38.02
N ILE A 37 -2.01 -19.05 37.84
CA ILE A 37 -0.96 -18.40 37.06
C ILE A 37 -0.98 -18.65 35.58
N SER A 38 -1.91 -19.46 35.08
CA SER A 38 -1.84 -19.85 33.68
C SER A 38 -2.96 -19.19 32.89
N GLY A 39 -2.70 -18.99 31.60
CA GLY A 39 -3.69 -18.39 30.73
C GLY A 39 -3.72 -16.88 30.82
N ASP A 40 -4.91 -16.32 30.92
CA ASP A 40 -5.09 -14.88 31.04
C ASP A 40 -5.06 -14.39 32.47
N MET A 41 -5.05 -15.28 33.44
CA MET A 41 -5.29 -14.95 34.85
C MET A 41 -6.55 -14.10 34.97
N ALA A 42 -7.67 -14.71 34.59
CA ALA A 42 -8.96 -14.00 34.61
C ALA A 42 -9.36 -13.64 36.03
N ALA A 43 -9.08 -14.52 36.99
CA ALA A 43 -9.38 -14.19 38.38
C ALA A 43 -8.58 -12.98 38.84
N PHE A 44 -7.30 -12.92 38.47
CA PHE A 44 -6.49 -11.76 38.81
C PHE A 44 -7.01 -10.51 38.12
N GLY A 45 -7.53 -10.64 36.90
CA GLY A 45 -8.09 -9.48 36.22
C GLY A 45 -9.34 -8.95 36.90
N GLU A 46 -10.24 -9.85 37.30
CA GLU A 46 -11.44 -9.41 38.00
C GLU A 46 -11.09 -8.80 39.36
N TRP A 47 -10.07 -9.32 40.03
CA TRP A 47 -9.61 -8.69 41.25
C TRP A 47 -8.98 -7.33 40.95
N MET A 48 -8.27 -7.23 39.84
CA MET A 48 -7.62 -5.97 39.48
C MET A 48 -8.63 -4.87 39.18
N LYS A 49 -9.80 -5.26 38.69
CA LYS A 49 -10.82 -4.27 38.33
C LYS A 49 -11.31 -3.46 39.53
N GLY A 50 -10.78 -3.73 40.71
CA GLY A 50 -11.24 -3.05 41.91
C GLY A 50 -10.27 -2.08 42.55
N GLN A 51 -8.97 -2.32 42.41
CA GLN A 51 -7.98 -1.57 43.17
C GLN A 51 -7.71 -0.21 42.54
N PHE A 52 -6.69 0.45 43.08
CA PHE A 52 -6.28 1.77 42.60
C PHE A 52 -5.92 1.85 41.13
N ILE A 53 -6.18 3.02 40.52
CA ILE A 53 -5.91 3.11 39.09
C ILE A 53 -4.43 2.95 38.77
N LEU A 54 -3.55 3.34 39.68
CA LEU A 54 -2.12 3.19 39.42
C LEU A 54 -1.71 1.73 39.38
N LEU A 55 -2.24 0.92 40.31
CA LEU A 55 -1.93 -0.50 40.29
C LEU A 55 -2.52 -1.17 39.05
N GLN A 56 -3.70 -0.72 38.61
CA GLN A 56 -4.24 -1.22 37.35
C GLN A 56 -3.36 -0.82 36.17
N ILE A 57 -2.80 0.39 36.19
CA ILE A 57 -1.90 0.79 35.12
C ILE A 57 -0.68 -0.11 35.11
N MET A 58 -0.15 -0.45 36.29
CA MET A 58 0.99 -1.36 36.35
C MET A 58 0.62 -2.73 35.78
N ASP A 59 -0.56 -3.23 36.14
CA ASP A 59 -1.00 -4.51 35.59
C ASP A 59 -1.14 -4.46 34.08
N TRP A 60 -1.71 -3.39 33.55
CA TRP A 60 -1.88 -3.27 32.11
C TRP A 60 -0.53 -3.13 31.41
N VAL A 61 0.42 -2.45 32.05
CA VAL A 61 1.76 -2.32 31.47
C VAL A 61 2.42 -3.69 31.37
N LEU A 62 2.36 -4.47 32.45
CA LEU A 62 2.93 -5.81 32.41
C LEU A 62 2.24 -6.68 31.37
N ARG A 63 0.91 -6.57 31.30
CA ARG A 63 0.13 -7.37 30.38
C ARG A 63 0.45 -7.02 28.93
N GLY A 64 0.61 -5.74 28.63
CA GLY A 64 1.02 -5.33 27.30
C GLY A 64 2.43 -5.74 26.98
N ALA A 65 3.33 -5.73 27.98
CA ALA A 65 4.67 -6.25 27.76
C ALA A 65 4.62 -7.71 27.38
N ALA A 66 3.76 -8.48 28.02
CA ALA A 66 3.63 -9.90 27.71
C ALA A 66 2.93 -10.15 26.39
N GLN A 67 2.07 -9.27 25.93
CA GLN A 67 1.27 -9.48 24.71
C GLN A 67 2.00 -9.37 23.44
N VAL A 68 3.26 -9.02 23.48
CA VAL A 68 4.01 -9.02 22.24
C VAL A 68 4.06 -10.42 21.65
N MET A 69 4.12 -11.44 22.49
CA MET A 69 4.06 -12.83 22.05
C MET A 69 2.69 -13.43 22.25
N PHE A 70 1.62 -12.64 22.09
CA PHE A 70 0.25 -13.12 22.16
C PHE A 70 -0.04 -13.79 23.50
N VAL A 71 0.42 -13.16 24.58
CA VAL A 71 0.21 -13.68 25.93
C VAL A 71 -0.39 -12.57 26.78
N ASN A 72 -1.52 -12.88 27.41
CA ASN A 72 -2.33 -11.93 28.15
C ASN A 72 -2.12 -12.08 29.65
N ASN A 73 -0.87 -12.30 30.06
CA ASN A 73 -0.54 -12.74 31.41
C ASN A 73 0.34 -11.71 32.12
N PRO A 74 -0.03 -11.26 33.32
CA PRO A 74 0.83 -10.30 34.03
C PRO A 74 2.14 -10.90 34.51
N LEU A 75 2.10 -12.11 35.08
CA LEU A 75 3.32 -12.73 35.58
C LEU A 75 4.32 -12.95 34.47
N SER A 76 3.84 -13.41 33.31
CA SER A 76 4.71 -13.53 32.16
C SER A 76 5.28 -12.18 31.75
N GLY A 77 4.49 -11.11 31.89
CA GLY A 77 5.02 -9.79 31.57
C GLY A 77 6.13 -9.37 32.52
N LEU A 78 5.99 -9.69 33.80
CA LEU A 78 7.06 -9.42 34.75
C LEU A 78 8.32 -10.21 34.39
N ILE A 79 8.13 -11.45 33.96
CA ILE A 79 9.27 -12.27 33.52
C ILE A 79 9.92 -11.67 32.28
N ILE A 80 9.11 -11.15 31.35
CA ILE A 80 9.65 -10.51 30.16
C ILE A 80 10.46 -9.28 30.54
N PHE A 81 9.95 -8.48 31.47
CA PHE A 81 10.72 -7.32 31.92
C PHE A 81 11.99 -7.71 32.63
N ALA A 82 11.97 -8.82 33.37
CA ALA A 82 13.20 -9.33 33.96
C ALA A 82 14.22 -9.68 32.88
N GLY A 83 13.78 -10.33 31.81
CA GLY A 83 14.69 -10.64 30.71
C GLY A 83 15.23 -9.39 30.04
N LEU A 84 14.35 -8.40 29.81
CA LEU A 84 14.79 -7.16 29.17
C LEU A 84 15.81 -6.43 30.04
N ILE A 85 15.58 -6.39 31.35
CA ILE A 85 16.57 -5.79 32.26
C ILE A 85 17.85 -6.58 32.23
N LEU A 86 17.75 -7.91 32.08
CA LEU A 86 18.95 -8.73 32.00
C LEU A 86 19.80 -8.37 30.78
N GLN A 87 19.16 -8.15 29.64
CA GLN A 87 19.95 -7.85 28.44
C GLN A 87 20.56 -6.46 28.52
N ASN A 88 19.71 -5.43 28.57
CA ASN A 88 20.20 -4.06 28.61
C ASN A 88 19.20 -3.19 29.36
N ARG A 89 19.67 -2.54 30.41
CA ARG A 89 18.80 -1.70 31.24
C ARG A 89 18.20 -0.54 30.49
N TRP A 90 19.00 0.14 29.67
CA TRP A 90 18.50 1.30 28.95
C TRP A 90 17.35 0.91 28.02
N TRP A 91 17.50 -0.22 27.33
CA TRP A 91 16.42 -0.69 26.45
C TRP A 91 15.18 -1.01 27.26
N ALA A 92 15.35 -1.65 28.41
CA ALA A 92 14.20 -1.96 29.26
C ALA A 92 13.50 -0.71 29.74
N LEU A 93 14.28 0.32 30.12
CA LEU A 93 13.67 1.57 30.56
C LEU A 93 12.89 2.23 29.44
N ASN A 94 13.45 2.25 28.22
CA ASN A 94 12.71 2.81 27.10
C ASN A 94 11.46 2.02 26.81
N GLY A 95 11.53 0.70 26.89
CA GLY A 95 10.34 -0.11 26.68
C GLY A 95 9.26 0.15 27.71
N PHE A 96 9.66 0.27 28.97
CA PHE A 96 8.69 0.57 30.03
C PHE A 96 8.05 1.93 29.81
N VAL A 97 8.85 2.94 29.46
CA VAL A 97 8.31 4.26 29.18
C VAL A 97 7.33 4.20 28.02
N GLY A 98 7.70 3.48 26.96
CA GLY A 98 6.83 3.38 25.81
C GLY A 98 5.51 2.72 26.14
N THR A 99 5.53 1.60 26.87
CA THR A 99 4.29 0.91 27.16
C THR A 99 3.41 1.74 28.11
N VAL A 100 4.01 2.38 29.12
CA VAL A 100 3.20 3.15 30.04
C VAL A 100 2.58 4.35 29.34
N PHE A 101 3.33 5.00 28.45
CA PHE A 101 2.76 6.16 27.78
C PHE A 101 1.78 5.77 26.68
N ALA A 102 1.95 4.61 26.07
CA ALA A 102 0.93 4.11 25.15
C ALA A 102 -0.38 3.83 25.89
N THR A 103 -0.29 3.22 27.08
CA THR A 103 -1.49 3.00 27.88
C THR A 103 -2.14 4.32 28.28
N ILE A 104 -1.34 5.30 28.69
CA ILE A 104 -1.89 6.60 29.06
C ILE A 104 -2.57 7.26 27.86
N SER A 105 -1.95 7.17 26.69
CA SER A 105 -2.56 7.75 25.50
C SER A 105 -3.86 7.04 25.13
N ALA A 106 -3.90 5.72 25.29
CA ALA A 106 -5.15 5.00 25.07
C ALA A 106 -6.23 5.47 26.03
N LEU A 107 -5.83 5.77 27.27
CA LEU A 107 -6.81 6.27 28.24
C LEU A 107 -7.31 7.66 27.86
N ILE A 108 -6.41 8.58 27.53
CA ILE A 108 -6.83 9.95 27.28
C ILE A 108 -7.68 10.03 26.01
N LEU A 109 -7.45 9.14 25.07
CA LEU A 109 -8.27 9.08 23.87
C LEU A 109 -9.55 8.28 24.07
N CYS A 110 -9.79 7.76 25.27
CA CYS A 110 -10.99 6.99 25.57
C CYS A 110 -11.16 5.85 24.56
N GLN A 111 -10.09 5.10 24.33
CA GLN A 111 -10.13 4.06 23.31
C GLN A 111 -11.07 2.94 23.72
N ASN A 112 -10.76 2.24 24.80
CA ASN A 112 -11.60 1.17 25.31
C ASN A 112 -11.05 0.59 26.61
N ARG A 113 -11.93 0.02 27.43
CA ARG A 113 -11.54 -0.80 28.56
C ARG A 113 -11.85 -2.25 28.23
N GLY A 114 -10.96 -3.14 28.62
CA GLY A 114 -10.96 -4.49 28.13
C GLY A 114 -10.05 -4.69 26.94
N ALA A 115 -9.68 -3.60 26.26
CA ALA A 115 -8.59 -3.58 25.31
C ALA A 115 -7.34 -2.98 25.94
N ILE A 116 -7.48 -1.84 26.61
CA ILE A 116 -6.38 -1.30 27.41
C ILE A 116 -6.14 -2.19 28.61
N ALA A 117 -7.22 -2.75 29.19
CA ALA A 117 -7.06 -3.60 30.36
C ALA A 117 -6.44 -4.94 30.00
N ALA A 118 -6.61 -5.39 28.77
CA ALA A 118 -6.01 -6.63 28.32
C ALA A 118 -4.61 -6.43 27.75
N GLY A 119 -4.11 -5.20 27.73
CA GLY A 119 -2.78 -4.92 27.22
C GLY A 119 -2.70 -4.74 25.72
N LEU A 120 -3.83 -4.65 25.03
CA LEU A 120 -3.81 -4.55 23.58
C LEU A 120 -3.31 -3.20 23.08
N TYR A 121 -3.16 -2.21 23.97
CA TYR A 121 -2.63 -0.91 23.58
C TYR A 121 -1.22 -0.68 24.12
N GLY A 122 -0.61 -1.69 24.73
CA GLY A 122 0.68 -1.51 25.35
C GLY A 122 1.82 -2.20 24.66
N TYR A 123 1.55 -3.30 23.96
CA TYR A 123 2.62 -4.05 23.31
C TYR A 123 3.27 -3.23 22.20
N ASN A 124 2.48 -2.46 21.46
CA ASN A 124 3.04 -1.56 20.47
C ASN A 124 3.97 -0.55 21.13
N GLY A 125 3.56 -0.01 22.28
CA GLY A 125 4.40 0.96 22.96
C GLY A 125 5.71 0.37 23.46
N ILE A 126 5.66 -0.80 24.08
CA ILE A 126 6.89 -1.40 24.59
C ILE A 126 7.81 -1.77 23.44
N LEU A 127 7.25 -2.27 22.34
CA LEU A 127 8.08 -2.56 21.18
C LEU A 127 8.70 -1.28 20.62
N VAL A 128 7.92 -0.21 20.54
CA VAL A 128 8.45 1.05 20.01
C VAL A 128 9.61 1.53 20.86
N GLY A 129 9.45 1.51 22.18
CA GLY A 129 10.53 1.92 23.06
C GLY A 129 11.76 1.05 22.90
N LEU A 130 11.57 -0.27 22.93
CA LEU A 130 12.70 -1.19 22.85
C LEU A 130 13.46 -1.03 21.55
N LEU A 131 12.75 -1.00 20.43
CA LEU A 131 13.42 -0.99 19.14
C LEU A 131 13.87 0.40 18.73
N MET A 132 13.36 1.45 19.37
CA MET A 132 13.95 2.76 19.18
C MET A 132 15.23 2.90 19.98
N ALA A 133 15.29 2.24 21.15
CA ALA A 133 16.55 2.16 21.88
C ALA A 133 17.57 1.32 21.12
N VAL A 134 17.13 0.22 20.51
CA VAL A 134 18.06 -0.72 19.88
C VAL A 134 18.73 -0.08 18.68
N PHE A 135 17.98 0.64 17.86
CA PHE A 135 18.54 1.17 16.62
C PHE A 135 19.09 2.58 16.70
N SER A 136 19.16 3.14 17.90
CA SER A 136 19.69 4.48 18.09
C SER A 136 21.20 4.43 18.15
N ASN A 137 21.86 5.22 17.32
CA ASN A 137 23.31 5.32 17.30
C ASN A 137 23.84 6.33 18.31
N ALA A 138 22.95 7.04 19.02
CA ALA A 138 23.38 8.07 19.95
C ALA A 138 24.17 7.47 21.11
N GLY A 139 23.76 6.32 21.59
CA GLY A 139 24.45 5.62 22.65
C GLY A 139 23.51 5.24 23.75
N ASP A 140 24.07 4.67 24.81
CA ASP A 140 23.28 4.31 25.98
C ASP A 140 23.03 5.53 26.85
N TRP A 141 21.85 5.57 27.46
CA TRP A 141 21.45 6.66 28.34
C TRP A 141 21.47 8.00 27.62
N TYR A 142 20.99 8.00 26.37
CA TYR A 142 20.69 9.22 25.65
C TYR A 142 19.28 9.63 26.04
N TRP A 143 19.18 10.49 27.05
CA TRP A 143 17.87 10.79 27.63
C TRP A 143 16.95 11.46 26.63
N TRP A 144 17.50 12.22 25.68
CA TRP A 144 16.66 12.87 24.68
C TRP A 144 15.84 11.86 23.90
N LEU A 145 16.34 10.62 23.80
CA LEU A 145 15.60 9.59 23.09
C LEU A 145 14.24 9.32 23.70
N LEU A 146 14.04 9.68 24.96
CA LEU A 146 12.73 9.51 25.57
C LEU A 146 11.69 10.37 24.88
N LEU A 147 12.08 11.55 24.41
CA LEU A 147 11.09 12.46 23.82
C LEU A 147 10.39 11.86 22.60
N PRO A 148 11.07 11.29 21.61
CA PRO A 148 10.33 10.54 20.59
C PRO A 148 9.58 9.35 21.16
N ASN A 149 10.18 8.67 22.14
CA ASN A 149 9.53 7.52 22.75
C ASN A 149 8.24 7.92 23.44
N ILE A 150 8.24 9.07 24.10
CA ILE A 150 6.98 9.60 24.64
C ILE A 150 6.00 9.86 23.50
N PHE A 151 6.48 10.45 22.41
CA PHE A 151 5.60 10.83 21.31
C PHE A 151 5.07 9.59 20.59
N MET A 152 5.99 8.75 20.10
CA MET A 152 5.59 7.58 19.33
C MET A 152 4.67 6.66 20.11
N SER A 153 4.99 6.40 21.38
CA SER A 153 4.11 5.56 22.17
C SER A 153 2.71 6.16 22.24
N MET A 154 2.63 7.47 22.44
CA MET A 154 1.32 8.10 22.50
C MET A 154 0.62 8.09 21.15
N ALA A 155 1.36 7.92 20.06
CA ALA A 155 0.74 7.77 18.76
C ALA A 155 0.39 6.33 18.45
N CYS A 156 0.82 5.38 19.27
CA CYS A 156 0.46 3.98 19.02
C CYS A 156 -1.04 3.73 19.07
N PRO A 157 -1.79 4.23 20.06
CA PRO A 157 -3.26 4.01 19.99
C PRO A 157 -3.89 4.59 18.75
N ILE A 158 -3.61 5.87 18.44
CA ILE A 158 -4.24 6.54 17.30
C ILE A 158 -4.12 5.67 16.06
N VAL A 159 -2.89 5.40 15.64
CA VAL A 159 -2.67 4.61 14.44
C VAL A 159 -3.37 3.26 14.57
N SER A 160 -3.22 2.61 15.73
CA SER A 160 -3.91 1.32 15.95
C SER A 160 -5.40 1.42 15.72
N SER A 161 -6.05 2.44 16.28
CA SER A 161 -7.46 2.64 16.04
C SER A 161 -7.74 2.79 14.55
N ALA A 162 -6.93 3.63 13.89
CA ALA A 162 -7.11 3.82 12.46
C ALA A 162 -7.08 2.49 11.73
N LEU A 163 -6.01 1.72 11.93
CA LEU A 163 -5.89 0.43 11.28
C LEU A 163 -7.03 -0.51 11.66
N ALA A 164 -7.54 -0.41 12.89
CA ALA A 164 -8.69 -1.21 13.28
C ALA A 164 -9.87 -0.91 12.38
N SER A 165 -10.14 0.38 12.14
CA SER A 165 -11.27 0.75 11.29
C SER A 165 -11.14 0.16 9.90
N ILE A 166 -9.91 -0.10 9.45
CA ILE A 166 -9.73 -0.76 8.18
C ILE A 166 -9.77 -2.27 8.34
N ASN A 167 -9.13 -2.79 9.38
CA ASN A 167 -8.99 -4.23 9.52
C ASN A 167 -10.27 -4.88 10.03
N SER A 168 -11.01 -4.20 10.89
CA SER A 168 -12.22 -4.79 11.46
C SER A 168 -13.27 -5.10 10.41
N ARG A 169 -13.15 -4.50 9.22
CA ARG A 169 -14.07 -4.84 8.15
C ARG A 169 -13.93 -6.29 7.72
N TRP A 170 -12.73 -6.86 7.84
CA TRP A 170 -12.49 -8.25 7.49
C TRP A 170 -12.31 -9.14 8.72
N ASP A 171 -12.63 -8.63 9.91
CA ASP A 171 -12.38 -9.34 11.17
C ASP A 171 -10.91 -9.74 11.28
N LEU A 172 -10.04 -8.81 11.01
CA LEU A 172 -8.63 -9.12 11.07
C LEU A 172 -8.00 -8.27 12.11
N PRO A 173 -7.03 -8.80 12.83
CA PRO A 173 -6.29 -8.06 13.80
C PRO A 173 -5.30 -7.03 13.32
N VAL A 174 -5.07 -5.95 14.06
CA VAL A 174 -4.10 -4.89 13.71
C VAL A 174 -2.72 -5.41 13.77
N PHE A 175 -2.47 -6.28 14.69
CA PHE A 175 -1.17 -6.87 14.86
C PHE A 175 -0.16 -5.87 15.25
N THR A 176 1.03 -5.93 14.73
CA THR A 176 2.07 -5.04 15.18
C THR A 176 2.23 -3.96 14.21
N LEU A 177 1.21 -3.75 13.39
CA LEU A 177 1.26 -2.69 12.38
C LEU A 177 1.60 -1.29 12.87
N PRO A 178 1.00 -0.84 14.00
CA PRO A 178 1.39 0.51 14.40
C PRO A 178 2.86 0.57 14.74
N PHE A 179 3.38 -0.42 15.45
CA PHE A 179 4.79 -0.42 15.71
C PHE A 179 5.54 -0.29 14.39
N ASN A 180 5.25 -1.16 13.42
CA ASN A 180 5.96 -1.10 12.16
C ASN A 180 5.94 0.29 11.58
N ILE A 181 4.76 0.86 11.43
CA ILE A 181 4.59 2.17 10.81
C ILE A 181 5.38 3.21 11.59
N LEU A 182 5.19 3.27 12.91
CA LEU A 182 5.77 4.35 13.68
C LEU A 182 7.28 4.24 13.81
N VAL A 183 7.82 3.05 14.07
CA VAL A 183 9.28 2.98 14.18
C VAL A 183 9.93 3.16 12.82
N CYS A 184 9.27 2.74 11.73
CA CYS A 184 9.83 3.02 10.42
C CYS A 184 9.83 4.52 10.13
N LEU A 185 8.74 5.21 10.47
CA LEU A 185 8.74 6.67 10.39
C LEU A 185 9.88 7.27 11.18
N HIS A 186 10.10 6.80 12.40
CA HIS A 186 11.17 7.39 13.19
C HIS A 186 12.53 7.17 12.55
N MET A 187 12.81 5.93 12.15
CA MET A 187 14.15 5.63 11.68
C MET A 187 14.41 6.20 10.30
N VAL A 188 13.37 6.52 9.54
CA VAL A 188 13.63 7.12 8.24
C VAL A 188 13.58 8.65 8.28
N ALA A 189 12.71 9.23 9.11
CA ALA A 189 12.70 10.68 9.27
C ALA A 189 13.96 11.16 9.96
N THR A 190 14.44 10.40 10.93
CA THR A 190 15.70 10.71 11.59
C THR A 190 16.89 10.29 10.75
N GLY A 191 17.00 9.00 10.46
CA GLY A 191 18.06 8.50 9.63
C GLY A 191 19.37 8.40 10.38
N HIS A 192 20.39 7.95 9.66
CA HIS A 192 21.73 7.82 10.22
C HIS A 192 22.45 9.15 10.32
N TYR A 193 21.95 10.20 9.69
CA TYR A 193 22.72 11.41 9.49
C TYR A 193 22.13 12.65 10.18
N ASN A 194 21.11 12.49 11.03
CA ASN A 194 20.62 13.67 11.72
C ASN A 194 21.41 13.88 13.00
N GLN A 195 21.45 15.15 13.42
CA GLN A 195 22.29 15.53 14.53
C GLN A 195 21.71 15.13 15.88
N TYR A 196 20.38 15.01 15.96
CA TYR A 196 19.73 14.83 17.25
C TYR A 196 19.46 13.36 17.59
N PHE A 197 18.87 12.62 16.66
CA PHE A 197 18.44 11.24 16.90
C PHE A 197 19.01 10.33 15.84
N PRO A 198 20.31 10.03 15.90
CA PRO A 198 20.92 9.19 14.87
C PRO A 198 20.43 7.76 14.95
N GLN A 199 20.49 7.08 13.82
CA GLN A 199 20.14 5.67 13.71
C GLN A 199 21.34 4.91 13.15
N ILE A 200 21.32 3.61 13.36
CA ILE A 200 22.39 2.78 12.83
C ILE A 200 22.35 2.78 11.32
N LEU A 201 23.46 2.46 10.70
CA LEU A 201 23.56 2.49 9.24
C LEU A 201 23.16 1.13 8.69
N ILE A 202 22.09 1.12 7.89
CA ILE A 202 21.63 -0.12 7.24
C ILE A 202 21.80 0.10 5.74
N GLN A 203 22.70 -0.64 5.11
CA GLN A 203 22.97 -0.47 3.70
C GLN A 203 22.57 -1.72 2.93
N PRO A 204 22.11 -1.58 1.70
CA PRO A 204 21.79 -2.76 0.89
C PRO A 204 23.03 -3.53 0.51
N THR A 205 22.85 -4.82 0.25
CA THR A 205 23.97 -5.67 -0.11
C THR A 205 24.54 -5.26 -1.46
N THR A 206 25.86 -5.12 -1.53
CA THR A 206 26.54 -4.69 -2.74
C THR A 206 27.55 -5.70 -3.27
N SER A 207 28.18 -6.48 -2.41
CA SER A 207 29.16 -7.48 -2.83
C SER A 207 28.64 -8.86 -2.49
N MET A 208 29.07 -9.85 -3.26
CA MET A 208 28.61 -11.22 -3.06
C MET A 208 29.39 -11.84 -1.91
N SER A 209 28.67 -12.48 -0.99
CA SER A 209 29.29 -13.10 0.17
C SER A 209 29.26 -14.61 0.02
N ASN A 210 30.42 -15.23 0.13
CA ASN A 210 30.51 -16.68 0.02
C ASN A 210 30.24 -17.36 1.35
N LEU A 211 29.40 -18.39 1.32
CA LEU A 211 29.03 -19.16 2.49
C LEU A 211 29.81 -20.47 2.47
N THR A 212 30.77 -20.59 3.37
CA THR A 212 31.52 -21.82 3.53
C THR A 212 30.74 -22.70 4.49
N TRP A 213 30.06 -23.72 3.93
CA TRP A 213 29.23 -24.59 4.76
C TRP A 213 30.06 -25.35 5.79
N SER A 214 31.36 -25.47 5.60
CA SER A 214 32.20 -26.13 6.58
C SER A 214 32.41 -25.27 7.82
N GLU A 215 32.11 -23.98 7.75
CA GLU A 215 32.26 -23.08 8.88
C GLU A 215 30.99 -22.97 9.72
N LEU A 216 29.97 -23.76 9.40
CA LEU A 216 28.73 -23.73 10.18
C LEU A 216 28.98 -24.27 11.58
N ASP A 217 28.50 -23.52 12.58
CA ASP A 217 28.62 -23.92 13.98
C ASP A 217 27.26 -24.37 14.45
N TYR A 218 27.11 -25.67 14.72
CA TYR A 218 25.81 -26.21 15.08
C TYR A 218 25.36 -25.73 16.45
N ALA A 219 26.29 -25.45 17.36
CA ALA A 219 25.91 -24.96 18.67
C ALA A 219 25.17 -23.63 18.56
N GLN A 220 25.75 -22.67 17.85
CA GLN A 220 25.05 -21.41 17.63
C GLN A 220 23.84 -21.59 16.74
N LEU A 221 23.93 -22.53 15.80
CA LEU A 221 22.84 -22.74 14.87
C LEU A 221 21.58 -23.18 15.62
N PHE A 222 21.74 -23.98 16.67
CA PHE A 222 20.63 -24.36 17.53
C PHE A 222 20.35 -23.35 18.63
N ARG A 223 21.32 -22.52 19.01
CA ARG A 223 21.03 -21.39 19.88
C ARG A 223 20.16 -20.36 19.16
N SER A 224 20.05 -20.46 17.84
CA SER A 224 19.19 -19.56 17.10
C SER A 224 17.74 -19.62 17.56
N ILE A 225 17.30 -20.75 18.12
CA ILE A 225 15.92 -20.86 18.57
C ILE A 225 15.68 -19.99 19.81
N PRO A 226 16.42 -20.13 20.90
CA PRO A 226 16.22 -19.17 22.01
C PRO A 226 16.51 -17.74 21.62
N VAL A 227 17.58 -17.50 20.85
CA VAL A 227 17.88 -16.13 20.45
C VAL A 227 16.82 -15.61 19.51
N GLY A 228 16.29 -16.47 18.64
CA GLY A 228 15.23 -16.05 17.75
C GLY A 228 13.97 -15.66 18.49
N ILE A 229 13.58 -16.46 19.49
CA ILE A 229 12.38 -16.13 20.24
C ILE A 229 12.62 -14.90 21.11
N GLY A 230 13.86 -14.67 21.53
CA GLY A 230 14.16 -13.46 22.28
C GLY A 230 14.27 -12.21 21.44
N GLN A 231 14.49 -12.37 20.14
CA GLN A 231 14.65 -11.22 19.24
C GLN A 231 13.35 -10.51 18.91
N VAL A 232 12.23 -11.05 19.40
CA VAL A 232 10.96 -10.46 19.12
C VAL A 232 11.01 -9.14 19.79
N TYR A 233 11.66 -9.11 20.95
CA TYR A 233 11.73 -7.92 21.74
C TYR A 233 13.01 -7.17 21.60
N GLY A 234 13.80 -7.50 20.60
CA GLY A 234 15.06 -6.86 20.36
C GLY A 234 16.27 -7.44 21.03
N CYS A 235 16.13 -8.52 21.75
CA CYS A 235 17.23 -9.08 22.49
C CYS A 235 17.97 -10.23 21.85
N ASP A 236 19.28 -10.08 21.63
CA ASP A 236 20.07 -11.14 20.99
C ASP A 236 20.78 -12.02 22.01
N ASN A 237 20.21 -12.12 23.20
CA ASN A 237 20.84 -12.89 24.27
C ASN A 237 20.09 -14.22 24.41
N ALA A 238 20.84 -15.31 24.49
CA ALA A 238 20.22 -16.62 24.61
C ALA A 238 19.46 -16.75 25.93
N TRP A 239 20.01 -16.21 27.01
CA TRP A 239 19.36 -16.29 28.31
C TRP A 239 18.04 -15.53 28.30
N THR A 240 18.01 -14.36 27.65
CA THR A 240 16.76 -13.61 27.55
C THR A 240 15.72 -14.40 26.76
N GLY A 241 16.14 -15.09 25.70
CA GLY A 241 15.23 -15.94 24.98
C GLY A 241 14.70 -17.07 25.84
N GLY A 242 15.56 -17.67 26.65
CA GLY A 242 15.11 -18.72 27.55
C GLY A 242 14.11 -18.21 28.57
N ILE A 243 14.34 -17.00 29.08
CA ILE A 243 13.40 -16.38 30.01
C ILE A 243 12.06 -16.15 29.32
N PHE A 244 12.09 -15.70 28.06
CA PHE A 244 10.86 -15.51 27.31
C PHE A 244 10.13 -16.83 27.09
N MET A 245 10.88 -17.90 26.81
CA MET A 245 10.26 -19.22 26.66
C MET A 245 9.63 -19.68 27.96
N ILE A 246 10.27 -19.39 29.09
CA ILE A 246 9.69 -19.72 30.38
C ILE A 246 8.38 -18.99 30.57
N ALA A 247 8.34 -17.69 30.22
CA ALA A 247 7.11 -16.94 30.33
C ALA A 247 6.02 -17.53 29.45
N LEU A 248 6.37 -17.89 28.20
CA LEU A 248 5.39 -18.48 27.30
C LEU A 248 4.87 -19.80 27.86
N PHE A 249 5.75 -20.63 28.42
CA PHE A 249 5.33 -21.91 28.95
C PHE A 249 4.40 -21.73 30.14
N ILE A 250 4.69 -20.76 31.01
CA ILE A 250 3.77 -20.49 32.12
C ILE A 250 2.42 -20.03 31.58
N SER A 251 2.43 -19.21 30.54
CA SER A 251 1.17 -18.74 29.97
C SER A 251 0.40 -19.88 29.30
N SER A 252 0.98 -20.47 28.25
CA SER A 252 0.31 -21.53 27.52
C SER A 252 1.32 -22.40 26.78
N PRO A 253 1.35 -23.70 27.03
CA PRO A 253 2.32 -24.57 26.34
C PRO A 253 2.16 -24.58 24.82
N ILE A 254 0.94 -24.41 24.31
CA ILE A 254 0.76 -24.40 22.86
C ILE A 254 1.51 -23.23 22.24
N THR A 255 1.45 -22.07 22.87
CA THR A 255 2.20 -20.91 22.38
C THR A 255 3.69 -21.18 22.40
N PHE A 256 4.18 -21.83 23.45
CA PHE A 256 5.60 -22.16 23.53
C PHE A 256 6.01 -23.11 22.41
N ALA A 257 5.20 -24.14 22.16
CA ALA A 257 5.52 -25.10 21.11
C ALA A 257 5.53 -24.42 19.75
N HIS A 258 4.51 -23.61 19.47
CA HIS A 258 4.47 -22.93 18.18
C HIS A 258 5.58 -21.91 18.07
N ALA A 259 6.01 -21.34 19.19
CA ALA A 259 7.11 -20.37 19.17
C ALA A 259 8.41 -21.05 18.79
N THR A 260 8.74 -22.16 19.45
CA THR A 260 9.98 -22.85 19.10
C THR A 260 9.91 -23.43 17.69
N ILE A 261 8.73 -23.89 17.25
CA ILE A 261 8.60 -24.37 15.89
C ILE A 261 8.81 -23.24 14.89
N GLY A 262 8.28 -22.06 15.18
CA GLY A 262 8.49 -20.93 14.30
C GLY A 262 9.93 -20.51 14.20
N SER A 263 10.63 -20.49 15.33
CA SER A 263 12.05 -20.15 15.28
C SER A 263 12.84 -21.21 14.51
N ALA A 264 12.48 -22.48 14.67
CA ALA A 264 13.15 -23.54 13.91
C ALA A 264 12.91 -23.40 12.42
N VAL A 265 11.68 -23.10 12.01
CA VAL A 265 11.44 -22.93 10.58
C VAL A 265 12.10 -21.67 10.05
N GLY A 266 12.24 -20.63 10.88
CA GLY A 266 12.98 -19.47 10.46
C GLY A 266 14.45 -19.75 10.23
N MET A 267 15.08 -20.49 11.15
CA MET A 267 16.50 -20.83 10.98
C MET A 267 16.74 -21.80 9.83
N VAL A 268 15.81 -22.71 9.55
CA VAL A 268 15.99 -23.58 8.41
C VAL A 268 15.75 -22.83 7.10
N SER A 269 14.79 -21.90 7.09
CA SER A 269 14.56 -21.09 5.91
C SER A 269 15.76 -20.17 5.63
N GLY A 270 16.36 -19.62 6.67
CA GLY A 270 17.56 -18.83 6.48
C GLY A 270 18.70 -19.65 5.90
N LEU A 271 18.82 -20.90 6.35
CA LEU A 271 19.81 -21.79 5.75
C LEU A 271 19.49 -22.06 4.29
N ALA A 272 18.20 -22.15 3.94
CA ALA A 272 17.83 -22.49 2.57
C ALA A 272 18.06 -21.35 1.60
N LEU A 273 17.97 -20.09 2.06
CA LEU A 273 18.05 -18.94 1.19
C LEU A 273 19.42 -18.28 1.17
N ALA A 274 20.46 -19.02 1.55
CA ALA A 274 21.84 -18.52 1.52
C ALA A 274 22.01 -17.26 2.36
N ALA A 275 21.28 -17.16 3.48
CA ALA A 275 21.48 -16.04 4.37
C ALA A 275 22.82 -16.18 5.09
N PRO A 276 23.46 -15.07 5.42
CA PRO A 276 24.71 -15.15 6.19
C PRO A 276 24.48 -15.85 7.51
N PHE A 277 25.45 -16.66 7.92
CA PHE A 277 25.29 -17.47 9.12
C PHE A 277 25.16 -16.61 10.37
N LYS A 278 25.81 -15.43 10.38
CA LYS A 278 25.74 -14.57 11.54
C LYS A 278 24.32 -14.08 11.78
N ASN A 279 23.58 -13.82 10.71
CA ASN A 279 22.19 -13.40 10.86
C ASN A 279 21.34 -14.49 11.48
N ILE A 280 21.55 -15.74 11.06
CA ILE A 280 20.81 -16.85 11.67
C ILE A 280 21.20 -17.02 13.13
N TYR A 281 22.48 -16.88 13.44
CA TYR A 281 22.93 -17.03 14.82
C TYR A 281 22.31 -15.97 15.73
N MET A 282 22.22 -14.74 15.24
CA MET A 282 21.66 -13.65 16.03
C MET A 282 20.14 -13.67 16.08
N GLY A 283 19.50 -14.67 15.51
CA GLY A 283 18.06 -14.77 15.60
C GLY A 283 17.31 -13.81 14.72
N LEU A 284 17.98 -13.21 13.74
CA LEU A 284 17.35 -12.24 12.83
C LEU A 284 16.42 -12.91 11.83
N TRP A 285 16.34 -14.22 11.85
CA TRP A 285 15.46 -14.98 10.97
C TRP A 285 14.35 -15.67 11.72
N GLY A 286 14.16 -15.39 13.01
CA GLY A 286 13.21 -16.14 13.79
C GLY A 286 12.04 -15.38 14.37
N TYR A 287 12.24 -14.11 14.72
CA TYR A 287 11.20 -13.37 15.44
C TYR A 287 9.93 -13.24 14.62
N ASN A 288 10.07 -12.92 13.33
CA ASN A 288 8.91 -12.86 12.46
C ASN A 288 8.21 -14.21 12.40
N CYS A 289 9.00 -15.28 12.31
CA CYS A 289 8.44 -16.62 12.16
C CYS A 289 7.78 -17.08 13.45
N VAL A 290 8.39 -16.81 14.61
CA VAL A 290 7.75 -17.18 15.86
C VAL A 290 6.43 -16.44 16.02
N LEU A 291 6.41 -15.15 15.70
CA LEU A 291 5.16 -14.40 15.80
C LEU A 291 4.10 -14.97 14.87
N ALA A 292 4.48 -15.27 13.62
CA ALA A 292 3.50 -15.79 12.67
C ALA A 292 2.98 -17.16 13.08
N CYS A 293 3.87 -18.04 13.55
CA CYS A 293 3.43 -19.37 13.96
C CYS A 293 2.54 -19.31 15.18
N ILE A 294 2.84 -18.42 16.14
CA ILE A 294 1.96 -18.26 17.29
C ILE A 294 0.60 -17.75 16.84
N ALA A 295 0.57 -16.75 15.94
CA ALA A 295 -0.68 -16.13 15.55
C ALA A 295 -1.57 -17.09 14.79
N ILE A 296 -1.04 -17.74 13.75
CA ILE A 296 -1.88 -18.60 12.92
C ILE A 296 -2.21 -19.89 13.64
N GLY A 297 -1.22 -20.49 14.29
CA GLY A 297 -1.42 -21.78 14.93
C GLY A 297 -2.05 -21.73 16.30
N GLY A 298 -3.35 -21.47 16.36
CA GLY A 298 -4.06 -21.53 17.61
C GLY A 298 -4.62 -20.21 18.09
N MET A 299 -3.86 -19.13 17.89
CA MET A 299 -4.25 -17.85 18.47
C MET A 299 -5.45 -17.26 17.74
N PHE A 300 -5.42 -17.26 16.40
CA PHE A 300 -6.50 -16.70 15.61
C PHE A 300 -7.20 -17.72 14.73
N TYR A 301 -6.60 -18.88 14.52
CA TYR A 301 -7.26 -20.02 13.90
C TYR A 301 -7.44 -21.09 14.98
N ALA A 302 -8.58 -21.76 14.97
CA ALA A 302 -8.78 -22.86 15.89
C ALA A 302 -7.77 -23.95 15.62
N LEU A 303 -7.13 -24.45 16.68
CA LEU A 303 -6.02 -25.37 16.50
C LEU A 303 -6.49 -26.70 15.94
N THR A 304 -5.89 -27.10 14.83
CA THR A 304 -6.16 -28.37 14.17
C THR A 304 -4.90 -28.72 13.40
N TRP A 305 -4.71 -30.02 13.11
CA TRP A 305 -3.53 -30.41 12.36
C TRP A 305 -3.45 -29.65 11.04
N GLN A 306 -4.61 -29.41 10.41
CA GLN A 306 -4.63 -28.56 9.23
C GLN A 306 -4.19 -27.14 9.58
N THR A 307 -4.67 -26.61 10.70
CA THR A 307 -4.26 -25.28 11.13
C THR A 307 -2.78 -25.26 11.52
N HIS A 308 -2.28 -26.32 12.14
CA HIS A 308 -0.86 -26.36 12.47
C HIS A 308 0.01 -26.38 11.22
N LEU A 309 -0.38 -27.16 10.21
CA LEU A 309 0.35 -27.15 8.95
C LEU A 309 0.27 -25.78 8.28
N LEU A 310 -0.90 -25.14 8.36
CA LEU A 310 -1.03 -23.79 7.82
C LEU A 310 -0.12 -22.82 8.56
N ALA A 311 0.03 -23.00 9.87
CA ALA A 311 0.92 -22.14 10.65
C ALA A 311 2.37 -22.35 10.26
N VAL A 312 2.78 -23.60 10.05
CA VAL A 312 4.15 -23.87 9.61
C VAL A 312 4.40 -23.26 8.23
N ALA A 313 3.42 -23.41 7.32
CA ALA A 313 3.56 -22.81 6.00
C ALA A 313 3.63 -21.29 6.09
N CYS A 314 2.79 -20.69 6.95
CA CYS A 314 2.82 -19.25 7.15
C CYS A 314 4.13 -18.80 7.75
N ALA A 315 4.74 -19.62 8.60
CA ALA A 315 6.02 -19.25 9.18
C ALA A 315 7.14 -19.33 8.16
N PHE A 316 7.10 -20.34 7.28
CA PHE A 316 8.05 -20.37 6.17
C PHE A 316 7.88 -19.15 5.27
N PHE A 317 6.64 -18.83 4.92
CA PHE A 317 6.37 -17.64 4.13
C PHE A 317 6.82 -16.39 4.87
N CYS A 318 6.73 -16.39 6.20
CA CYS A 318 7.12 -15.23 6.99
C CYS A 318 8.62 -15.03 6.98
N ALA A 319 9.39 -16.12 7.12
CA ALA A 319 10.84 -16.00 6.99
C ALA A 319 11.23 -15.54 5.61
N TYR A 320 10.56 -16.08 4.60
CA TYR A 320 10.94 -15.81 3.22
C TYR A 320 10.65 -14.34 2.90
N LEU A 321 9.45 -13.89 3.23
CA LEU A 321 9.07 -12.49 3.07
C LEU A 321 9.85 -11.60 4.02
N GLY A 322 10.39 -12.16 5.11
CA GLY A 322 11.28 -11.39 5.95
C GLY A 322 12.57 -11.04 5.24
N SER A 323 13.16 -12.01 4.56
CA SER A 323 14.29 -11.71 3.69
C SER A 323 13.90 -10.68 2.64
N ALA A 324 12.72 -10.85 2.04
CA ALA A 324 12.26 -9.92 1.02
C ALA A 324 12.17 -8.49 1.56
N ILE A 325 11.50 -8.30 2.69
CA ILE A 325 11.30 -6.98 3.24
C ILE A 325 12.61 -6.39 3.75
N GLY A 326 13.48 -7.21 4.33
CA GLY A 326 14.78 -6.72 4.72
C GLY A 326 15.56 -6.17 3.55
N ASN A 327 15.56 -6.89 2.44
CA ASN A 327 16.27 -6.40 1.26
C ASN A 327 15.59 -5.17 0.66
N VAL A 328 14.26 -5.12 0.69
CA VAL A 328 13.55 -3.97 0.14
C VAL A 328 13.85 -2.72 0.95
N MET A 329 13.73 -2.82 2.27
CA MET A 329 13.81 -1.68 3.16
C MET A 329 15.23 -1.36 3.58
N SER A 330 16.20 -2.19 3.22
CA SER A 330 17.60 -1.83 3.43
C SER A 330 18.00 -0.64 2.56
N ASN A 331 17.32 -0.44 1.43
CA ASN A 331 17.61 0.70 0.58
C ASN A 331 17.30 2.01 1.29
N PHE A 332 16.21 2.05 2.05
CA PHE A 332 15.82 3.24 2.78
C PHE A 332 16.60 3.42 4.07
N GLY A 333 17.45 2.46 4.43
CA GLY A 333 18.13 2.52 5.71
C GLY A 333 17.28 2.07 6.87
N LEU A 334 16.33 1.19 6.62
CA LEU A 334 15.39 0.71 7.62
C LEU A 334 15.51 -0.80 7.79
N PRO A 335 15.03 -1.36 8.92
CA PRO A 335 15.06 -2.83 8.94
C PRO A 335 13.65 -3.41 8.81
N ALA A 336 13.52 -4.71 8.55
CA ALA A 336 12.21 -5.33 8.49
C ALA A 336 11.81 -5.70 9.90
N CYS A 337 11.31 -4.74 10.67
CA CYS A 337 11.04 -5.02 12.08
C CYS A 337 9.99 -6.09 12.38
N THR A 338 8.81 -6.05 11.80
CA THR A 338 7.77 -7.02 12.17
C THR A 338 6.85 -7.04 10.99
N TRP A 339 7.11 -6.13 10.06
CA TRP A 339 6.34 -6.12 8.81
C TRP A 339 6.11 -7.54 8.27
N PRO A 340 7.18 -8.39 8.15
CA PRO A 340 6.85 -9.70 7.57
C PRO A 340 5.84 -10.47 8.38
N PHE A 341 5.89 -10.40 9.71
CA PHE A 341 4.89 -11.06 10.53
C PHE A 341 3.50 -10.57 10.19
N CYS A 342 3.32 -9.25 10.18
CA CYS A 342 2.00 -8.69 9.91
C CYS A 342 1.52 -9.10 8.53
N LEU A 343 2.36 -8.95 7.51
CA LEU A 343 1.93 -9.26 6.15
C LEU A 343 1.58 -10.73 6.00
N SER A 344 2.46 -11.62 6.46
CA SER A 344 2.21 -13.05 6.31
C SER A 344 1.00 -13.49 7.11
N ALA A 345 0.87 -13.01 8.35
CA ALA A 345 -0.25 -13.42 9.19
C ALA A 345 -1.57 -12.94 8.61
N LEU A 346 -1.62 -11.68 8.15
CA LEU A 346 -2.86 -11.19 7.54
C LEU A 346 -3.18 -11.94 6.26
N THR A 347 -2.15 -12.26 5.45
CA THR A 347 -2.40 -13.01 4.23
C THR A 347 -2.98 -14.38 4.54
N PHE A 348 -2.41 -15.09 5.51
CA PHE A 348 -2.92 -16.41 5.84
C PHE A 348 -4.22 -16.37 6.63
N LEU A 349 -4.54 -15.22 7.23
CA LEU A 349 -5.79 -15.06 7.96
C LEU A 349 -6.91 -14.55 7.07
N LEU A 350 -6.59 -14.13 5.84
CA LEU A 350 -7.60 -13.68 4.90
C LEU A 350 -8.10 -14.77 3.97
N ILE A 351 -7.39 -15.90 3.88
CA ILE A 351 -7.71 -16.90 2.88
C ILE A 351 -9.08 -17.52 3.16
N THR A 352 -9.84 -17.72 2.09
CA THR A 352 -11.13 -18.40 2.16
C THR A 352 -10.95 -19.85 1.73
N THR A 353 -11.52 -20.77 2.49
CA THR A 353 -11.35 -22.18 2.27
C THR A 353 -12.70 -22.87 2.36
N GLU A 354 -12.89 -23.90 1.55
CA GLU A 354 -14.14 -24.65 1.54
C GLU A 354 -14.17 -25.79 2.55
N THR A 355 -13.13 -25.96 3.35
CA THR A 355 -13.12 -26.95 4.41
C THR A 355 -13.31 -26.25 5.76
N LYS A 356 -14.12 -26.88 6.62
CA LYS A 356 -14.42 -26.31 7.92
C LYS A 356 -13.33 -26.52 8.94
N PHE A 357 -12.34 -27.35 8.64
CA PHE A 357 -11.29 -27.65 9.61
C PHE A 357 -10.33 -26.48 9.81
N ILE A 358 -10.26 -25.56 8.86
CA ILE A 358 -9.51 -24.32 9.04
C ILE A 358 -10.53 -23.27 9.47
N HIS A 359 -10.65 -23.06 10.78
CA HIS A 359 -11.66 -22.17 11.34
C HIS A 359 -10.99 -20.89 11.81
N LYS A 360 -11.46 -19.76 11.28
CA LYS A 360 -10.96 -18.45 11.67
C LYS A 360 -11.86 -17.91 12.77
N LEU A 361 -11.34 -17.84 13.98
CA LEU A 361 -12.13 -17.44 15.12
C LEU A 361 -12.52 -15.96 14.99
N PRO A 362 -13.74 -15.59 15.40
CA PRO A 362 -14.07 -14.18 15.49
C PRO A 362 -13.20 -13.49 16.52
N LEU A 363 -12.85 -12.23 16.24
CA LEU A 363 -11.96 -11.48 17.12
C LEU A 363 -12.47 -11.35 18.55
N ALA A 364 -13.79 -11.23 18.70
CA ALA A 364 -14.34 -11.10 20.04
C ALA A 364 -14.13 -12.37 20.86
N LYS A 365 -14.00 -13.52 20.19
CA LYS A 365 -13.83 -14.81 20.87
C LYS A 365 -12.38 -15.29 20.83
N VAL A 366 -11.42 -14.37 20.84
CA VAL A 366 -10.01 -14.72 20.75
C VAL A 366 -9.38 -14.54 22.13
N ALA A 367 -8.70 -15.58 22.59
CA ALA A 367 -7.98 -15.60 23.85
C ALA A 367 -6.78 -16.52 23.66
N TYR A 368 -6.16 -16.94 24.75
CA TYR A 368 -5.02 -17.83 24.64
C TYR A 368 -5.43 -19.14 23.96
N PRO A 369 -4.52 -19.78 23.22
CA PRO A 369 -4.93 -20.83 22.28
C PRO A 369 -5.67 -21.99 22.92
N GLU A 370 -5.39 -22.33 24.18
CA GLU A 370 -6.10 -23.42 24.82
C GLU A 370 -7.58 -23.10 24.98
N GLN A 371 -7.89 -21.87 25.40
CA GLN A 371 -9.30 -21.48 25.51
C GLN A 371 -9.95 -21.37 24.15
N ASN A 372 -9.20 -20.94 23.13
CA ASN A 372 -9.75 -20.96 21.78
C ASN A 372 -10.12 -22.37 21.36
N LEU A 373 -9.26 -23.34 21.69
CA LEU A 373 -9.56 -24.73 21.34
C LEU A 373 -10.76 -25.24 22.10
N ARG A 374 -10.89 -24.87 23.38
CA ARG A 374 -12.08 -25.27 24.14
C ARG A 374 -13.34 -24.67 23.55
N TYR A 375 -13.25 -23.44 23.07
CA TYR A 375 -14.40 -22.80 22.42
C TYR A 375 -14.75 -23.53 21.12
N TYR A 376 -13.74 -23.90 20.34
CA TYR A 376 -13.96 -24.62 19.10
C TYR A 376 -14.73 -25.89 19.40
N TRP A 377 -14.32 -26.62 20.44
CA TRP A 377 -15.00 -27.86 20.80
C TRP A 377 -16.44 -27.63 21.19
N LYS A 378 -16.71 -26.56 21.94
CA LYS A 378 -18.08 -26.26 22.33
C LYS A 378 -18.91 -25.97 21.11
N MET A 379 -18.36 -25.20 20.18
CA MET A 379 -19.08 -24.89 18.94
C MET A 379 -19.33 -26.16 18.15
N LYS A 380 -18.32 -27.03 18.09
CA LYS A 380 -18.45 -28.26 17.33
C LYS A 380 -19.55 -29.15 17.88
N LYS A 381 -19.56 -29.33 19.20
CA LYS A 381 -20.55 -30.23 19.79
C LYS A 381 -21.91 -29.65 19.61
N GLU A 382 -22.03 -28.37 19.79
CA GLU A 382 -23.32 -27.78 19.69
C GLU A 382 -23.84 -27.89 18.29
N GLU A 383 -22.98 -27.72 17.31
CA GLU A 383 -23.40 -27.87 15.95
C GLU A 383 -23.82 -29.28 15.64
N LYS A 384 -23.09 -30.27 16.15
CA LYS A 384 -23.46 -31.65 15.93
C LYS A 384 -24.84 -31.89 16.48
N THR A 385 -25.21 -31.20 17.55
CA THR A 385 -26.57 -31.35 18.05
C THR A 385 -27.43 -30.14 17.67
N ALA B 28 -24.50 47.95 7.86
CA ALA B 28 -25.39 46.87 7.44
C ALA B 28 -25.14 46.46 6.01
N ASN B 29 -24.77 47.43 5.19
CA ASN B 29 -24.42 47.11 3.83
C ASN B 29 -23.21 46.22 3.92
N LEU B 30 -22.30 46.55 4.81
CA LEU B 30 -21.13 45.74 5.01
C LEU B 30 -21.47 44.38 5.49
N ILE B 31 -22.39 44.21 6.42
CA ILE B 31 -22.66 42.87 6.82
C ILE B 31 -23.16 42.11 5.63
N LYS B 32 -24.05 42.70 4.85
CA LYS B 32 -24.61 41.90 3.77
C LYS B 32 -23.55 41.51 2.81
N TRP B 33 -22.67 42.44 2.53
CA TRP B 33 -21.63 42.17 1.58
C TRP B 33 -20.65 41.14 2.00
N VAL B 34 -20.28 41.18 3.26
CA VAL B 34 -19.38 40.21 3.75
C VAL B 34 -20.05 38.86 3.68
N SER B 35 -21.34 38.81 3.95
CA SER B 35 -22.02 37.55 3.87
C SER B 35 -21.98 37.02 2.49
N PHE B 36 -22.16 37.89 1.53
CA PHE B 36 -22.07 37.48 0.13
C PHE B 36 -20.68 37.00 -0.30
N ILE B 37 -19.60 37.62 0.16
CA ILE B 37 -18.25 37.14 -0.19
C ILE B 37 -17.66 36.08 0.70
N SER B 38 -18.37 35.67 1.75
CA SER B 38 -17.75 34.77 2.71
C SER B 38 -18.36 33.38 2.62
N GLY B 39 -17.56 32.38 2.97
CA GLY B 39 -18.04 31.02 2.96
C GLY B 39 -17.96 30.39 1.59
N ASP B 40 -19.02 29.73 1.18
CA ASP B 40 -19.09 29.09 -0.12
C ASP B 40 -19.62 30.00 -1.21
N MET B 41 -20.12 31.18 -0.85
CA MET B 41 -20.89 32.03 -1.75
C MET B 41 -22.00 31.22 -2.41
N ALA B 42 -22.91 30.73 -1.57
CA ALA B 42 -24.01 29.89 -2.04
C ALA B 42 -24.94 30.68 -2.96
N ALA B 43 -25.18 31.95 -2.65
CA ALA B 43 -26.01 32.77 -3.52
C ALA B 43 -25.36 32.91 -4.89
N PHE B 44 -24.06 33.13 -4.93
CA PHE B 44 -23.36 33.21 -6.20
C PHE B 44 -23.42 31.88 -6.94
N GLY B 45 -23.38 30.76 -6.22
CA GLY B 45 -23.49 29.47 -6.88
C GLY B 45 -24.85 29.25 -7.50
N GLU B 46 -25.91 29.59 -6.78
CA GLU B 46 -27.25 29.44 -7.34
C GLU B 46 -27.46 30.37 -8.52
N TRP B 47 -26.87 31.57 -8.49
CA TRP B 47 -26.91 32.43 -9.66
C TRP B 47 -26.09 31.85 -10.79
N MET B 48 -24.97 31.22 -10.47
CA MET B 48 -24.12 30.64 -11.51
C MET B 48 -24.80 29.48 -12.22
N LYS B 49 -25.68 28.77 -11.53
CA LYS B 49 -26.36 27.63 -12.11
C LYS B 49 -27.22 27.99 -13.31
N GLY B 50 -27.28 29.27 -13.67
CA GLY B 50 -28.13 29.71 -14.75
C GLY B 50 -27.44 30.18 -16.01
N GLN B 51 -26.23 30.72 -15.89
CA GLN B 51 -25.59 31.40 -17.01
C GLN B 51 -24.94 30.39 -17.97
N PHE B 52 -24.19 30.95 -18.92
CA PHE B 52 -23.49 30.14 -19.92
C PHE B 52 -22.55 29.09 -19.38
N ILE B 53 -22.40 27.97 -20.10
CA ILE B 53 -21.56 26.91 -19.58
C ILE B 53 -20.11 27.36 -19.46
N LEU B 54 -19.65 28.27 -20.33
CA LEU B 54 -18.27 28.73 -20.25
C LEU B 54 -18.02 29.53 -18.98
N LEU B 55 -18.96 30.41 -18.62
CA LEU B 55 -18.81 31.16 -17.38
C LEU B 55 -18.88 30.24 -16.16
N GLN B 56 -19.72 29.20 -16.23
CA GLN B 56 -19.73 28.21 -15.16
C GLN B 56 -18.40 27.47 -15.08
N ILE B 57 -17.79 27.16 -16.23
CA ILE B 57 -16.48 26.53 -16.22
C ILE B 57 -15.46 27.43 -15.55
N MET B 58 -15.52 28.73 -15.85
CA MET B 58 -14.60 29.66 -15.20
C MET B 58 -14.82 29.69 -13.69
N ASP B 59 -16.08 29.69 -13.27
CA ASP B 59 -16.37 29.68 -11.83
C ASP B 59 -15.85 28.40 -11.18
N TRP B 60 -16.04 27.26 -11.83
CA TRP B 60 -15.56 25.99 -11.28
C TRP B 60 -14.05 25.94 -11.25
N VAL B 61 -13.40 26.53 -12.24
CA VAL B 61 -11.93 26.58 -12.26
C VAL B 61 -11.43 27.39 -11.08
N LEU B 62 -12.01 28.58 -10.86
CA LEU B 62 -11.59 29.39 -9.73
C LEU B 62 -11.87 28.68 -8.41
N ARG B 63 -13.01 28.02 -8.32
CA ARG B 63 -13.41 27.34 -7.10
C ARG B 63 -12.47 26.17 -6.79
N GLY B 64 -12.09 25.41 -7.82
CA GLY B 64 -11.12 24.35 -7.64
C GLY B 64 -9.74 24.88 -7.29
N ALA B 65 -9.36 26.03 -7.85
CA ALA B 65 -8.11 26.65 -7.46
C ALA B 65 -8.11 26.99 -5.98
N ALA B 66 -9.25 27.50 -5.49
CA ALA B 66 -9.37 27.83 -4.07
C ALA B 66 -9.46 26.61 -3.17
N GLN B 67 -9.96 25.50 -3.66
CA GLN B 67 -10.18 24.31 -2.83
C GLN B 67 -8.98 23.55 -2.45
N VAL B 68 -7.83 23.95 -2.91
CA VAL B 68 -6.62 23.28 -2.45
C VAL B 68 -6.46 23.47 -0.95
N MET B 69 -6.86 24.63 -0.44
CA MET B 69 -6.86 24.89 1.00
C MET B 69 -8.23 24.74 1.62
N PHE B 70 -9.04 23.82 1.11
CA PHE B 70 -10.37 23.52 1.66
C PHE B 70 -11.25 24.76 1.70
N VAL B 71 -11.24 25.52 0.60
CA VAL B 71 -12.04 26.73 0.48
C VAL B 71 -12.85 26.64 -0.82
N ASN B 72 -14.16 26.82 -0.69
CA ASN B 72 -15.12 26.61 -1.78
C ASN B 72 -15.57 27.96 -2.33
N ASN B 73 -14.64 28.90 -2.47
CA ASN B 73 -14.95 30.30 -2.72
C ASN B 73 -14.37 30.75 -4.05
N PRO B 74 -15.16 31.35 -4.95
CA PRO B 74 -14.59 31.83 -6.22
C PRO B 74 -13.67 33.03 -6.06
N LEU B 75 -14.07 34.01 -5.25
CA LEU B 75 -13.23 35.20 -5.07
C LEU B 75 -11.88 34.83 -4.48
N SER B 76 -11.87 33.93 -3.50
CA SER B 76 -10.62 33.44 -2.97
C SER B 76 -9.81 32.74 -4.05
N GLY B 77 -10.47 32.04 -4.97
CA GLY B 77 -9.74 31.41 -6.07
C GLY B 77 -9.10 32.43 -6.99
N LEU B 78 -9.80 33.52 -7.27
CA LEU B 78 -9.20 34.60 -8.06
C LEU B 78 -8.00 35.19 -7.35
N ILE B 79 -8.10 35.34 -6.03
CA ILE B 79 -6.97 35.84 -5.25
C ILE B 79 -5.79 34.87 -5.30
N ILE B 80 -6.08 33.56 -5.25
CA ILE B 80 -5.04 32.55 -5.34
C ILE B 80 -4.34 32.63 -6.70
N PHE B 81 -5.12 32.79 -7.76
CA PHE B 81 -4.51 32.93 -9.08
C PHE B 81 -3.70 34.21 -9.20
N ALA B 82 -4.13 35.28 -8.54
CA ALA B 82 -3.32 36.49 -8.51
C ALA B 82 -1.99 36.22 -7.84
N GLY B 83 -2.00 35.48 -6.73
CA GLY B 83 -0.75 35.14 -6.08
C GLY B 83 0.14 34.27 -6.95
N LEU B 84 -0.44 33.27 -7.61
CA LEU B 84 0.33 32.40 -8.49
C LEU B 84 0.95 33.17 -9.64
N ILE B 85 0.19 34.10 -10.23
CA ILE B 85 0.76 34.94 -11.28
C ILE B 85 1.86 35.82 -10.71
N LEU B 86 1.71 36.26 -9.47
CA LEU B 86 2.74 37.08 -8.85
C LEU B 86 4.05 36.30 -8.72
N GLN B 87 3.98 35.04 -8.32
CA GLN B 87 5.23 34.28 -8.15
C GLN B 87 5.88 33.96 -9.49
N ASN B 88 5.18 33.18 -10.33
CA ASN B 88 5.74 32.79 -11.61
C ASN B 88 4.60 32.58 -12.59
N ARG B 89 4.64 33.31 -13.71
CA ARG B 89 3.58 33.23 -14.72
C ARG B 89 3.47 31.85 -15.34
N TRP B 90 4.60 31.24 -15.67
CA TRP B 90 4.57 29.93 -16.31
C TRP B 90 3.89 28.89 -15.41
N TRP B 91 4.20 28.92 -14.12
CA TRP B 91 3.57 28.00 -13.19
C TRP B 91 2.06 28.26 -13.12
N ALA B 92 1.67 29.53 -13.09
CA ALA B 92 0.25 29.87 -13.05
C ALA B 92 -0.47 29.38 -14.30
N LEU B 93 0.17 29.53 -15.47
CA LEU B 93 -0.44 29.06 -16.70
C LEU B 93 -0.62 27.55 -16.69
N ASN B 94 0.41 26.82 -16.24
CA ASN B 94 0.28 25.37 -16.14
C ASN B 94 -0.82 24.98 -15.16
N GLY B 95 -0.91 25.67 -14.03
CA GLY B 95 -1.97 25.38 -13.08
C GLY B 95 -3.35 25.62 -13.65
N PHE B 96 -3.52 26.73 -14.37
CA PHE B 96 -4.80 27.02 -14.99
C PHE B 96 -5.17 25.96 -16.03
N VAL B 97 -4.19 25.57 -16.85
CA VAL B 97 -4.45 24.52 -17.84
C VAL B 97 -4.83 23.23 -17.15
N GLY B 98 -4.12 22.87 -16.08
CA GLY B 98 -4.43 21.65 -15.36
C GLY B 98 -5.83 21.65 -14.77
N THR B 99 -6.21 22.74 -14.11
CA THR B 99 -7.53 22.77 -13.49
C THR B 99 -8.64 22.78 -14.54
N VAL B 100 -8.46 23.52 -15.63
CA VAL B 100 -9.52 23.57 -16.63
C VAL B 100 -9.67 22.22 -17.31
N PHE B 101 -8.55 21.54 -17.58
CA PHE B 101 -8.67 20.24 -18.24
C PHE B 101 -9.13 19.15 -17.29
N ALA B 102 -8.82 19.26 -15.99
CA ALA B 102 -9.41 18.34 -15.03
C ALA B 102 -10.92 18.51 -14.95
N THR B 103 -11.40 19.75 -14.96
CA THR B 103 -12.84 19.98 -14.98
C THR B 103 -13.48 19.43 -16.25
N ILE B 104 -12.83 19.64 -17.40
CA ILE B 104 -13.36 19.12 -18.66
C ILE B 104 -13.41 17.59 -18.62
N SER B 105 -12.36 16.96 -18.09
CA SER B 105 -12.35 15.50 -17.99
C SER B 105 -13.44 15.00 -17.05
N ALA B 106 -13.66 15.71 -15.94
CA ALA B 106 -14.76 15.34 -15.05
C ALA B 106 -16.09 15.44 -15.77
N LEU B 107 -16.25 16.43 -16.65
CA LEU B 107 -17.48 16.56 -17.40
C LEU B 107 -17.65 15.43 -18.42
N ILE B 108 -16.60 15.12 -19.18
CA ILE B 108 -16.75 14.13 -20.24
C ILE B 108 -16.97 12.75 -19.65
N LEU B 109 -16.45 12.50 -18.45
CA LEU B 109 -16.69 11.24 -17.77
C LEU B 109 -18.00 11.23 -16.99
N CYS B 110 -18.77 12.31 -17.05
CA CYS B 110 -20.05 12.39 -16.35
C CYS B 110 -19.90 12.04 -14.88
N GLN B 111 -18.89 12.65 -14.24
CA GLN B 111 -18.59 12.31 -12.85
C GLN B 111 -19.72 12.74 -11.93
N ASN B 112 -19.96 14.05 -11.83
CA ASN B 112 -21.04 14.58 -11.01
C ASN B 112 -21.16 16.09 -11.15
N ARG B 113 -22.35 16.63 -10.91
CA ARG B 113 -22.54 18.06 -10.74
C ARG B 113 -22.82 18.32 -9.26
N GLY B 114 -22.27 19.41 -8.75
CA GLY B 114 -22.18 19.64 -7.33
C GLY B 114 -20.88 19.16 -6.73
N ALA B 115 -20.17 18.28 -7.44
CA ALA B 115 -18.77 17.99 -7.15
C ALA B 115 -17.85 18.73 -8.12
N ILE B 116 -18.16 18.67 -9.42
CA ILE B 116 -17.46 19.52 -10.37
C ILE B 116 -17.83 20.98 -10.15
N ALA B 117 -19.09 21.24 -9.80
CA ALA B 117 -19.53 22.60 -9.58
C ALA B 117 -18.94 23.20 -8.31
N ALA B 118 -18.62 22.36 -7.33
CA ALA B 118 -17.99 22.82 -6.10
C ALA B 118 -16.48 22.86 -6.20
N GLY B 119 -15.92 22.49 -7.34
CA GLY B 119 -14.47 22.51 -7.52
C GLY B 119 -13.74 21.30 -7.02
N LEU B 120 -14.46 20.23 -6.65
CA LEU B 120 -13.82 19.05 -6.09
C LEU B 120 -13.03 18.26 -7.11
N TYR B 121 -13.18 18.57 -8.41
CA TYR B 121 -12.42 17.91 -9.45
C TYR B 121 -11.36 18.80 -10.06
N GLY B 122 -11.15 19.99 -9.51
CA GLY B 122 -10.24 20.94 -10.11
C GLY B 122 -8.97 21.19 -9.32
N TYR B 123 -9.04 21.02 -8.00
CA TYR B 123 -7.86 21.30 -7.17
C TYR B 123 -6.73 20.32 -7.48
N ASN B 124 -7.07 19.06 -7.73
CA ASN B 124 -6.05 18.11 -8.15
C ASN B 124 -5.40 18.54 -9.46
N GLY B 125 -6.21 19.04 -10.40
CA GLY B 125 -5.65 19.49 -11.66
C GLY B 125 -4.74 20.70 -11.52
N ILE B 126 -5.14 21.70 -10.75
CA ILE B 126 -4.30 22.88 -10.60
C ILE B 126 -3.02 22.52 -9.86
N LEU B 127 -3.11 21.65 -8.86
CA LEU B 127 -1.90 21.22 -8.18
C LEU B 127 -0.99 20.45 -9.12
N VAL B 128 -1.56 19.58 -9.96
CA VAL B 128 -0.75 18.81 -10.89
C VAL B 128 0.00 19.75 -11.83
N GLY B 129 -0.72 20.72 -12.40
CA GLY B 129 -0.06 21.68 -13.29
C GLY B 129 1.03 22.47 -12.59
N LEU B 130 0.71 23.01 -11.40
CA LEU B 130 1.68 23.84 -10.69
C LEU B 130 2.92 23.06 -10.34
N LEU B 131 2.77 21.86 -9.77
CA LEU B 131 3.92 21.12 -9.29
C LEU B 131 4.63 20.36 -10.39
N MET B 132 4.00 20.16 -11.54
CA MET B 132 4.73 19.68 -12.69
C MET B 132 5.56 20.78 -13.32
N ALA B 133 5.06 22.01 -13.27
CA ALA B 133 5.89 23.16 -13.67
C ALA B 133 7.05 23.36 -12.72
N VAL B 134 6.80 23.20 -11.41
CA VAL B 134 7.81 23.51 -10.41
C VAL B 134 8.99 22.56 -10.52
N PHE B 135 8.72 21.28 -10.69
CA PHE B 135 9.81 20.30 -10.67
C PHE B 135 10.39 19.95 -12.03
N SER B 136 9.99 20.66 -13.07
CA SER B 136 10.52 20.43 -14.40
C SER B 136 11.86 21.14 -14.57
N ASN B 137 12.88 20.38 -14.97
CA ASN B 137 14.20 20.93 -15.23
C ASN B 137 14.35 21.49 -16.64
N ALA B 138 13.31 21.35 -17.47
CA ALA B 138 13.41 21.81 -18.84
C ALA B 138 13.57 23.31 -18.94
N GLY B 139 12.88 24.05 -18.09
CA GLY B 139 13.00 25.48 -18.02
C GLY B 139 11.64 26.13 -18.06
N ASP B 140 11.65 27.46 -18.10
CA ASP B 140 10.41 28.22 -18.21
C ASP B 140 9.93 28.23 -19.65
N TRP B 141 8.62 28.22 -19.82
CA TRP B 141 7.99 28.24 -21.13
C TRP B 141 8.44 27.07 -22.00
N TYR B 142 8.52 25.89 -21.39
CA TYR B 142 8.67 24.64 -22.11
C TYR B 142 7.28 24.17 -22.48
N TRP B 143 6.84 24.54 -23.68
CA TRP B 143 5.45 24.32 -24.05
C TRP B 143 5.10 22.84 -24.10
N TRP B 144 6.06 21.99 -24.41
CA TRP B 144 5.79 20.55 -24.44
C TRP B 144 5.29 20.06 -23.10
N LEU B 145 5.67 20.74 -22.01
CA LEU B 145 5.21 20.34 -20.68
C LEU B 145 3.69 20.38 -20.57
N LEU B 146 3.02 21.13 -21.43
CA LEU B 146 1.57 21.13 -21.39
C LEU B 146 1.00 19.76 -21.72
N LEU B 147 1.65 19.02 -22.61
CA LEU B 147 1.10 17.73 -23.03
C LEU B 147 0.92 16.76 -21.87
N PRO B 148 1.91 16.52 -21.00
CA PRO B 148 1.60 15.74 -19.79
C PRO B 148 0.58 16.42 -18.90
N ASN B 149 0.63 17.75 -18.81
CA ASN B 149 -0.32 18.49 -17.98
C ASN B 149 -1.74 18.31 -18.49
N ILE B 150 -1.92 18.31 -19.82
CA ILE B 150 -3.22 17.96 -20.38
C ILE B 150 -3.60 16.55 -19.97
N PHE B 151 -2.65 15.61 -20.07
CA PHE B 151 -2.95 14.22 -19.80
C PHE B 151 -3.23 13.99 -18.33
N MET B 152 -2.27 14.35 -17.47
CA MET B 152 -2.42 14.13 -16.04
C MET B 152 -3.66 14.77 -15.47
N SER B 153 -3.93 16.01 -15.85
CA SER B 153 -5.14 16.66 -15.36
C SER B 153 -6.37 15.85 -15.75
N MET B 154 -6.41 15.39 -17.00
CA MET B 154 -7.56 14.60 -17.42
C MET B 154 -7.61 13.25 -16.73
N ALA B 155 -6.50 12.78 -16.17
CA ALA B 155 -6.53 11.56 -15.39
C ALA B 155 -6.84 11.82 -13.92
N CYS B 156 -6.90 13.08 -13.50
CA CYS B 156 -7.24 13.38 -12.11
C CYS B 156 -8.64 12.90 -11.73
N PRO B 157 -9.70 13.13 -12.52
CA PRO B 157 -11.00 12.58 -12.13
C PRO B 157 -11.00 11.07 -12.01
N ILE B 158 -10.50 10.36 -13.04
CA ILE B 158 -10.51 8.90 -13.05
C ILE B 158 -9.96 8.37 -11.73
N VAL B 159 -8.70 8.66 -11.45
CA VAL B 159 -8.07 8.18 -10.24
C VAL B 159 -8.88 8.60 -9.02
N SER B 160 -9.31 9.87 -8.97
CA SER B 160 -10.13 10.34 -7.86
C SER B 160 -11.37 9.49 -7.67
N SER B 161 -12.09 9.19 -8.75
CA SER B 161 -13.25 8.33 -8.65
C SER B 161 -12.86 6.98 -8.09
N ALA B 162 -11.77 6.41 -8.62
CA ALA B 162 -11.31 5.12 -8.13
C ALA B 162 -11.10 5.17 -6.63
N LEU B 163 -10.29 6.12 -6.17
CA LEU B 163 -10.04 6.24 -4.75
C LEU B 163 -11.31 6.49 -3.95
N ALA B 164 -12.27 7.20 -4.53
CA ALA B 164 -13.55 7.39 -3.85
C ALA B 164 -14.21 6.05 -3.58
N SER B 165 -14.23 5.17 -4.58
CA SER B 165 -14.86 3.87 -4.39
C SER B 165 -14.20 3.09 -3.26
N ILE B 166 -12.93 3.37 -2.99
CA ILE B 166 -12.29 2.74 -1.85
C ILE B 166 -12.54 3.54 -0.58
N ASN B 167 -12.44 4.86 -0.65
CA ASN B 167 -12.52 5.68 0.54
C ASN B 167 -13.94 5.84 1.04
N SER B 168 -14.92 5.90 0.14
CA SER B 168 -16.30 6.12 0.55
C SER B 168 -16.83 4.99 1.41
N ARG B 169 -16.16 3.84 1.42
CA ARG B 169 -16.57 2.76 2.30
C ARG B 169 -16.40 3.14 3.76
N TRP B 170 -15.43 3.99 4.07
CA TRP B 170 -15.19 4.45 5.42
C TRP B 170 -15.64 5.88 5.64
N ASP B 171 -16.38 6.47 4.70
CA ASP B 171 -16.74 7.88 4.73
C ASP B 171 -15.51 8.76 4.86
N LEU B 172 -14.51 8.49 4.06
CA LEU B 172 -13.31 9.26 4.13
C LEU B 172 -13.09 9.96 2.84
N PRO B 173 -12.58 11.17 2.88
CA PRO B 173 -12.26 11.92 1.70
C PRO B 173 -11.06 11.48 0.88
N VAL B 174 -11.06 11.67 -0.43
CA VAL B 174 -9.94 11.32 -1.32
C VAL B 174 -8.77 12.17 -1.06
N PHE B 175 -9.01 13.40 -0.73
CA PHE B 175 -7.97 14.34 -0.43
C PHE B 175 -7.14 14.61 -1.61
N THR B 176 -5.84 14.72 -1.47
CA THR B 176 -5.01 15.12 -2.58
C THR B 176 -4.36 13.92 -3.13
N LEU B 177 -4.92 12.76 -2.83
CA LEU B 177 -4.35 11.50 -3.34
C LEU B 177 -4.16 11.43 -4.86
N PRO B 178 -5.13 11.90 -5.67
CA PRO B 178 -4.84 11.81 -7.09
C PRO B 178 -3.60 12.61 -7.44
N PHE B 179 -3.49 13.86 -7.00
CA PHE B 179 -2.27 14.59 -7.27
C PHE B 179 -1.10 13.75 -6.86
N ASN B 180 -1.04 13.29 -5.60
CA ASN B 180 0.14 12.56 -5.19
C ASN B 180 0.49 11.47 -6.16
N ILE B 181 -0.46 10.59 -6.44
CA ILE B 181 -0.23 9.45 -7.31
C ILE B 181 0.25 9.92 -8.68
N LEU B 182 -0.47 10.85 -9.29
CA LEU B 182 -0.17 11.21 -10.67
C LEU B 182 1.13 11.99 -10.81
N VAL B 183 1.39 12.97 -9.93
CA VAL B 183 2.65 13.69 -10.09
C VAL B 183 3.83 12.80 -9.72
N CYS B 184 3.67 11.87 -8.78
CA CYS B 184 4.75 10.94 -8.51
C CYS B 184 5.01 10.03 -9.70
N LEU B 185 3.95 9.53 -10.34
CA LEU B 185 4.11 8.80 -11.60
C LEU B 185 4.87 9.63 -12.62
N HIS B 186 4.51 10.90 -12.78
CA HIS B 186 5.19 11.70 -13.78
C HIS B 186 6.67 11.85 -13.45
N MET B 187 6.97 12.23 -12.22
CA MET B 187 8.35 12.56 -11.90
C MET B 187 9.22 11.31 -11.81
N VAL B 188 8.64 10.13 -11.64
CA VAL B 188 9.48 8.94 -11.62
C VAL B 188 9.55 8.26 -12.98
N ALA B 189 8.48 8.29 -13.77
CA ALA B 189 8.54 7.75 -15.12
C ALA B 189 9.43 8.61 -16.00
N THR B 190 9.38 9.92 -15.82
CA THR B 190 10.26 10.82 -16.56
C THR B 190 11.65 10.84 -15.93
N GLY B 191 11.75 11.24 -14.68
CA GLY B 191 13.01 11.26 -13.99
C GLY B 191 13.87 12.44 -14.39
N HIS B 192 15.05 12.50 -13.79
CA HIS B 192 16.00 13.56 -14.09
C HIS B 192 16.74 13.34 -15.39
N TYR B 193 16.65 12.15 -15.97
CA TYR B 193 17.54 11.78 -17.06
C TYR B 193 16.84 11.51 -18.38
N ASN B 194 15.55 11.81 -18.50
CA ASN B 194 14.92 11.62 -19.80
C ASN B 194 15.11 12.86 -20.66
N GLN B 195 15.08 12.64 -21.97
CA GLN B 195 15.41 13.70 -22.92
C GLN B 195 14.28 14.69 -23.10
N TYR B 196 13.03 14.27 -22.86
CA TYR B 196 11.88 15.09 -23.20
C TYR B 196 11.36 15.90 -22.02
N PHE B 197 11.15 15.27 -20.88
CA PHE B 197 10.54 15.91 -19.72
C PHE B 197 11.42 15.71 -18.49
N PRO B 198 12.53 16.44 -18.42
CA PRO B 198 13.43 16.27 -17.28
C PRO B 198 12.82 16.78 -15.99
N GLN B 199 13.30 16.20 -14.88
CA GLN B 199 12.90 16.63 -13.55
C GLN B 199 14.15 17.03 -12.77
N ILE B 200 13.92 17.78 -11.70
CA ILE B 200 15.03 18.18 -10.86
C ILE B 200 15.63 16.98 -10.17
N LEU B 201 16.87 17.09 -9.75
CA LEU B 201 17.57 15.98 -9.13
C LEU B 201 17.32 15.99 -7.63
N ILE B 202 16.69 14.93 -7.14
CA ILE B 202 16.44 14.78 -5.70
C ILE B 202 17.24 13.58 -5.24
N GLN B 203 18.25 13.79 -4.40
CA GLN B 203 19.11 12.71 -3.95
C GLN B 203 18.96 12.50 -2.45
N PRO B 204 19.08 11.27 -1.97
CA PRO B 204 19.01 11.04 -0.53
C PRO B 204 20.23 11.61 0.18
N THR B 205 20.04 11.91 1.46
CA THR B 205 21.13 12.49 2.25
C THR B 205 22.25 11.47 2.41
N THR B 206 23.49 11.90 2.17
CA THR B 206 24.64 11.03 2.25
C THR B 206 25.69 11.49 3.26
N SER B 207 25.82 12.79 3.49
CA SER B 207 26.78 13.32 4.45
C SER B 207 26.04 14.01 5.58
N MET B 208 26.67 14.02 6.76
CA MET B 208 26.05 14.61 7.93
C MET B 208 26.20 16.12 7.88
N SER B 209 25.11 16.84 8.11
CA SER B 209 25.11 18.30 8.07
C SER B 209 25.00 18.85 9.48
N ASN B 210 25.95 19.70 9.84
CA ASN B 210 25.95 20.31 11.16
C ASN B 210 25.07 21.55 11.19
N LEU B 211 24.23 21.64 12.23
CA LEU B 211 23.33 22.76 12.43
C LEU B 211 23.91 23.66 13.51
N THR B 212 24.39 24.83 13.10
CA THR B 212 24.89 25.83 14.03
C THR B 212 23.68 26.66 14.48
N TRP B 213 23.22 26.40 15.70
CA TRP B 213 22.05 27.10 16.21
C TRP B 213 22.27 28.59 16.32
N SER B 214 23.52 29.04 16.36
CA SER B 214 23.81 30.46 16.40
C SER B 214 23.55 31.14 15.05
N GLU B 215 23.42 30.36 13.98
CA GLU B 215 23.16 30.91 12.66
C GLU B 215 21.68 31.00 12.34
N LEU B 216 20.81 30.68 13.30
CA LEU B 216 19.38 30.77 13.07
C LEU B 216 18.95 32.22 12.89
N ASP B 217 18.18 32.47 11.84
CA ASP B 217 17.65 33.79 11.55
C ASP B 217 16.18 33.80 11.90
N TYR B 218 15.82 34.55 12.95
CA TYR B 218 14.44 34.53 13.41
C TYR B 218 13.49 35.21 12.44
N ALA B 219 13.98 36.18 11.67
CA ALA B 219 13.14 36.83 10.69
C ALA B 219 12.63 35.84 9.65
N GLN B 220 13.55 35.09 9.05
CA GLN B 220 13.13 34.05 8.10
C GLN B 220 12.40 32.93 8.81
N LEU B 221 12.78 32.65 10.05
CA LEU B 221 12.17 31.56 10.79
C LEU B 221 10.68 31.81 10.99
N PHE B 222 10.31 33.08 11.21
CA PHE B 222 8.90 33.45 11.29
C PHE B 222 8.29 33.75 9.93
N ARG B 223 9.08 34.09 8.92
CA ARG B 223 8.56 34.12 7.56
C ARG B 223 8.17 32.74 7.07
N SER B 224 8.62 31.71 7.77
CA SER B 224 8.25 30.34 7.40
C SER B 224 6.73 30.14 7.42
N ILE B 225 6.00 30.90 8.22
CA ILE B 225 4.54 30.74 8.28
C ILE B 225 3.89 31.21 6.98
N PRO B 226 4.09 32.45 6.52
CA PRO B 226 3.53 32.80 5.21
C PRO B 226 4.09 31.97 4.08
N VAL B 227 5.39 31.70 4.08
CA VAL B 227 5.97 30.89 3.01
C VAL B 227 5.45 29.47 3.10
N GLY B 228 5.27 28.95 4.32
CA GLY B 228 4.73 27.61 4.47
C GLY B 228 3.31 27.50 3.94
N ILE B 229 2.47 28.49 4.25
CA ILE B 229 1.10 28.44 3.76
C ILE B 229 1.06 28.65 2.25
N GLY B 230 2.03 29.41 1.71
CA GLY B 230 2.09 29.57 0.26
C GLY B 230 2.66 28.38 -0.48
N GLN B 231 3.40 27.52 0.22
CA GLN B 231 4.02 26.35 -0.42
C GLN B 231 3.06 25.23 -0.73
N VAL B 232 1.79 25.40 -0.35
CA VAL B 232 0.82 24.39 -0.59
C VAL B 232 0.71 24.34 -2.07
N TYR B 233 0.80 25.50 -2.69
CA TYR B 233 0.64 25.61 -4.12
C TYR B 233 1.93 25.69 -4.86
N GLY B 234 3.03 25.39 -4.21
CA GLY B 234 4.33 25.44 -4.83
C GLY B 234 5.08 26.72 -4.76
N CYS B 235 4.55 27.73 -4.10
CA CYS B 235 5.18 29.02 -4.08
C CYS B 235 6.01 29.35 -2.85
N ASP B 236 7.29 29.65 -3.03
CA ASP B 236 8.18 29.96 -1.90
C ASP B 236 8.31 31.45 -1.67
N ASN B 237 7.28 32.20 -2.05
CA ASN B 237 7.31 33.65 -1.91
C ASN B 237 6.47 34.06 -0.72
N ALA B 238 7.01 34.94 0.13
CA ALA B 238 6.27 35.37 1.31
C ALA B 238 5.02 36.14 0.92
N TRP B 239 5.11 36.98 -0.11
CA TRP B 239 3.96 37.76 -0.53
C TRP B 239 2.85 36.86 -1.06
N THR B 240 3.20 35.81 -1.80
CA THR B 240 2.19 34.86 -2.26
C THR B 240 1.51 34.18 -1.09
N GLY B 241 2.28 33.83 -0.06
CA GLY B 241 1.68 33.26 1.13
C GLY B 241 0.74 34.23 1.82
N GLY B 242 1.12 35.51 1.87
CA GLY B 242 0.22 36.49 2.45
C GLY B 242 -1.06 36.65 1.66
N ILE B 243 -0.95 36.61 0.33
CA ILE B 243 -2.14 36.65 -0.51
C ILE B 243 -3.03 35.45 -0.26
N PHE B 244 -2.43 34.27 -0.09
CA PHE B 244 -3.21 33.08 0.22
C PHE B 244 -3.89 33.20 1.57
N MET B 245 -3.20 33.77 2.56
CA MET B 245 -3.81 34.00 3.87
C MET B 245 -4.98 34.97 3.77
N ILE B 246 -4.84 36.00 2.93
CA ILE B 246 -5.94 36.93 2.71
C ILE B 246 -7.15 36.20 2.12
N ALA B 247 -6.90 35.32 1.15
CA ALA B 247 -7.99 34.53 0.57
C ALA B 247 -8.66 33.66 1.63
N LEU B 248 -7.85 33.00 2.46
CA LEU B 248 -8.41 32.15 3.50
C LEU B 248 -9.25 32.96 4.49
N PHE B 249 -8.76 34.14 4.86
CA PHE B 249 -9.49 34.98 5.81
C PHE B 249 -10.82 35.44 5.23
N ILE B 250 -10.83 35.82 3.95
CA ILE B 250 -12.09 36.18 3.31
C ILE B 250 -13.04 34.98 3.31
N SER B 251 -12.52 33.79 3.05
CA SER B 251 -13.36 32.61 3.04
C SER B 251 -13.88 32.27 4.44
N SER B 252 -12.97 31.95 5.35
CA SER B 252 -13.37 31.59 6.71
C SER B 252 -12.23 31.81 7.69
N PRO B 253 -12.43 32.62 8.74
CA PRO B 253 -11.35 32.86 9.69
C PRO B 253 -10.85 31.62 10.40
N ILE B 254 -11.70 30.62 10.62
CA ILE B 254 -11.26 29.40 11.29
C ILE B 254 -10.22 28.68 10.44
N THR B 255 -10.42 28.64 9.12
CA THR B 255 -9.44 28.03 8.24
C THR B 255 -8.12 28.80 8.30
N PHE B 256 -8.18 30.13 8.34
CA PHE B 256 -6.97 30.94 8.43
C PHE B 256 -6.21 30.66 9.72
N ALA B 257 -6.94 30.59 10.84
CA ALA B 257 -6.29 30.32 12.12
C ALA B 257 -5.64 28.95 12.13
N HIS B 258 -6.38 27.93 11.67
CA HIS B 258 -5.80 26.60 11.64
C HIS B 258 -4.65 26.50 10.66
N ALA B 259 -4.69 27.30 9.60
CA ALA B 259 -3.60 27.32 8.62
C ALA B 259 -2.32 27.87 9.24
N THR B 260 -2.41 29.02 9.89
CA THR B 260 -1.22 29.58 10.50
C THR B 260 -0.74 28.71 11.66
N ILE B 261 -1.65 28.07 12.40
CA ILE B 261 -1.23 27.16 13.47
C ILE B 261 -0.52 25.95 12.88
N GLY B 262 -1.01 25.43 11.77
CA GLY B 262 -0.35 24.30 11.13
C GLY B 262 1.04 24.64 10.63
N SER B 263 1.19 25.82 10.03
CA SER B 263 2.53 26.21 9.59
C SER B 263 3.46 26.41 10.77
N ALA B 264 2.94 26.97 11.87
CA ALA B 264 3.77 27.12 13.07
C ALA B 264 4.20 25.78 13.64
N VAL B 265 3.29 24.82 13.71
CA VAL B 265 3.70 23.52 14.22
C VAL B 265 4.64 22.81 13.27
N GLY B 266 4.51 23.04 11.96
CA GLY B 266 5.46 22.49 11.02
C GLY B 266 6.86 23.05 11.20
N MET B 267 6.97 24.37 11.38
CA MET B 267 8.29 24.97 11.59
C MET B 267 8.90 24.61 12.93
N VAL B 268 8.09 24.42 13.97
CA VAL B 268 8.67 23.99 15.25
C VAL B 268 9.06 22.52 15.18
N SER B 269 8.29 21.70 14.48
CA SER B 269 8.66 20.30 14.31
C SER B 269 9.94 20.16 13.49
N GLY B 270 10.09 20.98 12.46
CA GLY B 270 11.33 20.97 11.70
C GLY B 270 12.52 21.37 12.56
N LEU B 271 12.33 22.34 13.45
CA LEU B 271 13.39 22.68 14.39
C LEU B 271 13.70 21.52 15.32
N ALA B 272 12.67 20.75 15.71
CA ALA B 272 12.88 19.67 16.66
C ALA B 272 13.61 18.48 16.06
N LEU B 273 13.45 18.25 14.76
CA LEU B 273 14.00 17.05 14.11
C LEU B 273 15.30 17.32 13.38
N ALA B 274 16.01 18.39 13.73
CA ALA B 274 17.31 18.71 13.14
C ALA B 274 17.23 18.87 11.63
N ALA B 275 16.13 19.40 11.14
CA ALA B 275 16.02 19.69 9.71
C ALA B 275 16.91 20.87 9.36
N PRO B 276 17.45 20.90 8.15
CA PRO B 276 18.24 22.05 7.73
C PRO B 276 17.41 23.32 7.78
N PHE B 277 18.04 24.41 8.21
CA PHE B 277 17.32 25.65 8.40
C PHE B 277 16.75 26.19 7.09
N LYS B 278 17.44 25.94 5.98
CA LYS B 278 16.96 26.44 4.70
C LYS B 278 15.63 25.81 4.33
N ASN B 279 15.44 24.54 4.66
CA ASN B 279 14.16 23.89 4.38
C ASN B 279 13.03 24.52 5.17
N ILE B 280 13.28 24.84 6.44
CA ILE B 280 12.26 25.51 7.25
C ILE B 280 11.97 26.90 6.69
N TYR B 281 13.01 27.63 6.27
CA TYR B 281 12.82 28.97 5.74
C TYR B 281 11.98 28.94 4.48
N MET B 282 12.21 27.97 3.61
CA MET B 282 11.47 27.85 2.35
C MET B 282 10.08 27.27 2.52
N GLY B 283 9.65 27.01 3.75
CA GLY B 283 8.30 26.52 3.96
C GLY B 283 8.09 25.08 3.60
N LEU B 284 9.17 24.32 3.43
CA LEU B 284 9.08 22.90 3.04
C LEU B 284 8.60 22.02 4.19
N TRP B 285 8.40 22.61 5.36
CA TRP B 285 7.91 21.89 6.52
C TRP B 285 6.52 22.33 6.95
N GLY B 286 5.83 23.13 6.14
CA GLY B 286 4.57 23.70 6.57
C GLY B 286 3.35 23.33 5.76
N TYR B 287 3.50 23.10 4.46
CA TYR B 287 2.32 22.90 3.61
C TYR B 287 1.54 21.66 4.01
N ASN B 288 2.24 20.57 4.29
CA ASN B 288 1.56 19.38 4.76
C ASN B 288 0.84 19.64 6.07
N CYS B 289 1.49 20.38 6.97
CA CYS B 289 0.91 20.64 8.28
C CYS B 289 -0.27 21.59 8.20
N VAL B 290 -0.18 22.63 7.35
CA VAL B 290 -1.32 23.52 7.20
C VAL B 290 -2.51 22.77 6.63
N LEU B 291 -2.27 21.92 5.63
CA LEU B 291 -3.37 21.14 5.07
C LEU B 291 -3.99 20.22 6.12
N ALA B 292 -3.14 19.54 6.90
CA ALA B 292 -3.66 18.61 7.91
C ALA B 292 -4.44 19.34 8.99
N CYS B 293 -3.93 20.48 9.45
CA CYS B 293 -4.62 21.23 10.50
C CYS B 293 -5.93 21.79 10.00
N ILE B 294 -5.98 22.26 8.76
CA ILE B 294 -7.25 22.72 8.20
C ILE B 294 -8.24 21.57 8.11
N ALA B 295 -7.78 20.41 7.64
CA ALA B 295 -8.69 19.29 7.40
C ALA B 295 -9.26 18.75 8.71
N ILE B 296 -8.40 18.45 9.68
CA ILE B 296 -8.89 17.84 10.91
C ILE B 296 -9.61 18.87 11.77
N GLY B 297 -9.05 20.06 11.90
CA GLY B 297 -9.62 21.06 12.77
C GLY B 297 -10.77 21.85 12.18
N GLY B 298 -11.94 21.24 12.09
CA GLY B 298 -13.11 21.96 11.66
C GLY B 298 -13.70 21.50 10.35
N MET B 299 -12.83 21.17 9.39
CA MET B 299 -13.31 20.88 8.05
C MET B 299 -14.01 19.53 7.99
N PHE B 300 -13.42 18.50 8.59
CA PHE B 300 -14.02 17.17 8.57
C PHE B 300 -14.37 16.65 9.95
N TYR B 301 -13.84 17.25 11.01
CA TYR B 301 -14.29 17.02 12.37
C TYR B 301 -15.01 18.27 12.85
N ALA B 302 -16.09 18.09 13.58
CA ALA B 302 -16.78 19.24 14.17
C ALA B 302 -15.84 19.94 15.14
N LEU B 303 -15.76 21.27 15.03
CA LEU B 303 -14.77 22.01 15.79
C LEU B 303 -15.08 21.98 17.28
N THR B 304 -14.11 21.53 18.07
CA THR B 304 -14.19 21.48 19.51
C THR B 304 -12.76 21.56 20.02
N TRP B 305 -12.60 21.99 21.27
CA TRP B 305 -11.24 22.07 21.83
C TRP B 305 -10.55 20.72 21.73
N GLN B 306 -11.30 19.63 21.94
CA GLN B 306 -10.74 18.30 21.72
C GLN B 306 -10.35 18.12 20.25
N THR B 307 -11.21 18.56 19.34
CA THR B 307 -10.90 18.48 17.92
C THR B 307 -9.73 19.38 17.54
N HIS B 308 -9.64 20.56 18.16
CA HIS B 308 -8.51 21.44 17.88
C HIS B 308 -7.20 20.82 18.34
N LEU B 309 -7.20 20.21 19.53
CA LEU B 309 -6.00 19.53 20.00
C LEU B 309 -5.67 18.35 19.10
N LEU B 310 -6.69 17.62 18.63
CA LEU B 310 -6.45 16.54 17.69
C LEU B 310 -5.86 17.05 16.39
N ALA B 311 -6.29 18.23 15.96
CA ALA B 311 -5.74 18.83 14.75
C ALA B 311 -4.29 19.22 14.93
N VAL B 312 -3.95 19.79 16.09
CA VAL B 312 -2.55 20.14 16.35
C VAL B 312 -1.69 18.88 16.41
N ALA B 313 -2.20 17.82 17.05
CA ALA B 313 -1.45 16.57 17.09
C ALA B 313 -1.29 15.97 15.70
N CYS B 314 -2.35 16.04 14.89
CA CYS B 314 -2.28 15.55 13.52
C CYS B 314 -1.30 16.36 12.69
N ALA B 315 -1.20 17.66 12.96
CA ALA B 315 -0.25 18.48 12.22
C ALA B 315 1.19 18.18 12.63
N PHE B 316 1.42 17.93 13.91
CA PHE B 316 2.74 17.47 14.34
C PHE B 316 3.09 16.14 13.68
N PHE B 317 2.15 15.19 13.70
CA PHE B 317 2.35 13.92 13.02
C PHE B 317 2.56 14.12 11.52
N CYS B 318 1.92 15.13 10.95
CA CYS B 318 2.04 15.39 9.52
C CYS B 318 3.42 15.92 9.17
N ALA B 319 3.95 16.84 9.98
CA ALA B 319 5.32 17.29 9.76
C ALA B 319 6.30 16.15 9.92
N TYR B 320 6.08 15.33 10.95
CA TYR B 320 7.03 14.28 11.27
C TYR B 320 7.05 13.24 10.15
N LEU B 321 5.86 12.79 9.74
CA LEU B 321 5.72 11.87 8.62
C LEU B 321 6.09 12.54 7.31
N GLY B 322 6.08 13.87 7.26
CA GLY B 322 6.60 14.56 6.09
C GLY B 322 8.09 14.38 5.94
N SER B 323 8.81 14.53 7.05
CA SER B 323 10.23 14.18 7.03
C SER B 323 10.42 12.72 6.64
N ALA B 324 9.59 11.84 7.20
CA ALA B 324 9.70 10.41 6.89
C ALA B 324 9.53 10.16 5.39
N ILE B 325 8.46 10.69 4.80
CA ILE B 325 8.17 10.44 3.39
C ILE B 325 9.20 11.11 2.49
N GLY B 326 9.65 12.31 2.86
CA GLY B 326 10.70 12.93 2.09
C GLY B 326 11.95 12.09 2.03
N ASN B 327 12.37 11.53 3.17
CA ASN B 327 13.55 10.68 3.18
C ASN B 327 13.30 9.37 2.44
N VAL B 328 12.09 8.82 2.54
CA VAL B 328 11.79 7.57 1.86
C VAL B 328 11.83 7.77 0.34
N MET B 329 11.16 8.80 -0.14
CA MET B 329 10.97 9.01 -1.56
C MET B 329 12.10 9.79 -2.20
N SER B 330 13.05 10.28 -1.42
CA SER B 330 14.25 10.87 -2.00
C SER B 330 15.09 9.82 -2.71
N ASN B 331 14.98 8.55 -2.30
CA ASN B 331 15.70 7.48 -2.96
C ASN B 331 15.25 7.32 -4.40
N PHE B 332 13.95 7.45 -4.65
CA PHE B 332 13.39 7.32 -5.99
C PHE B 332 13.57 8.58 -6.82
N GLY B 333 14.10 9.65 -6.23
CA GLY B 333 14.18 10.91 -6.94
C GLY B 333 12.88 11.68 -6.96
N LEU B 334 12.04 11.49 -5.95
CA LEU B 334 10.72 12.10 -5.87
C LEU B 334 10.62 12.96 -4.62
N PRO B 335 9.66 13.91 -4.56
CA PRO B 335 9.54 14.61 -3.27
C PRO B 335 8.27 14.18 -2.53
N ALA B 336 8.14 14.52 -1.26
CA ALA B 336 6.92 14.19 -0.52
C ALA B 336 5.94 15.32 -0.78
N CYS B 337 5.25 15.27 -1.92
CA CYS B 337 4.39 16.39 -2.27
C CYS B 337 3.21 16.69 -1.34
N THR B 338 2.39 15.71 -0.97
CA THR B 338 1.22 16.02 -0.15
C THR B 338 0.87 14.71 0.49
N TRP B 339 1.60 13.67 0.09
CA TRP B 339 1.43 12.37 0.72
C TRP B 339 1.31 12.49 2.25
N PRO B 340 2.25 13.22 2.93
CA PRO B 340 2.07 13.23 4.39
C PRO B 340 0.74 13.80 4.84
N PHE B 341 0.25 14.83 4.16
CA PHE B 341 -1.07 15.36 4.50
C PHE B 341 -2.13 14.27 4.38
N CYS B 342 -2.17 13.60 3.24
CA CYS B 342 -3.19 12.59 3.02
C CYS B 342 -3.09 11.49 4.05
N LEU B 343 -1.87 10.97 4.29
CA LEU B 343 -1.72 9.86 5.21
C LEU B 343 -2.11 10.26 6.62
N SER B 344 -1.59 11.39 7.11
CA SER B 344 -1.89 11.81 8.47
C SER B 344 -3.37 12.15 8.65
N ALA B 345 -3.96 12.85 7.69
CA ALA B 345 -5.36 13.23 7.81
C ALA B 345 -6.26 12.00 7.79
N LEU B 346 -5.99 11.05 6.90
CA LEU B 346 -6.80 9.84 6.87
C LEU B 346 -6.62 9.04 8.16
N THR B 347 -5.39 8.97 8.68
CA THR B 347 -5.15 8.25 9.92
C THR B 347 -5.93 8.86 11.07
N PHE B 348 -5.91 10.19 11.18
CA PHE B 348 -6.63 10.85 12.26
C PHE B 348 -8.13 10.90 12.02
N LEU B 349 -8.57 10.72 10.78
CA LEU B 349 -9.97 10.69 10.46
C LEU B 349 -10.56 9.30 10.54
N LEU B 350 -9.73 8.27 10.68
CA LEU B 350 -10.20 6.90 10.82
C LEU B 350 -10.34 6.46 12.27
N ILE B 351 -9.79 7.21 13.22
CA ILE B 351 -9.74 6.73 14.60
C ILE B 351 -11.14 6.66 15.18
N THR B 352 -11.41 5.60 15.94
CA THR B 352 -12.65 5.43 16.64
C THR B 352 -12.45 5.80 18.10
N THR B 353 -13.37 6.59 18.64
CA THR B 353 -13.25 7.13 19.98
C THR B 353 -14.58 6.95 20.70
N GLU B 354 -14.51 6.70 22.01
CA GLU B 354 -15.70 6.51 22.81
C GLU B 354 -16.26 7.82 23.38
N THR B 355 -15.67 8.96 23.05
CA THR B 355 -16.21 10.24 23.45
C THR B 355 -16.88 10.91 22.26
N LYS B 356 -18.03 11.53 22.51
CA LYS B 356 -18.80 12.17 21.47
C LYS B 356 -18.27 13.53 21.07
N PHE B 357 -17.33 14.09 21.82
CA PHE B 357 -16.83 15.42 21.53
C PHE B 357 -15.93 15.45 20.29
N ILE B 358 -15.38 14.31 19.89
CA ILE B 358 -14.66 14.20 18.62
C ILE B 358 -15.66 13.63 17.62
N HIS B 359 -16.30 14.52 16.86
CA HIS B 359 -17.38 14.15 15.94
C HIS B 359 -16.85 14.21 14.52
N LYS B 360 -16.93 13.09 13.81
CA LYS B 360 -16.53 13.00 12.41
C LYS B 360 -17.76 13.25 11.54
N LEU B 361 -17.79 14.40 10.88
CA LEU B 361 -18.96 14.77 10.10
C LEU B 361 -19.11 13.85 8.90
N PRO B 362 -20.34 13.49 8.54
CA PRO B 362 -20.55 12.78 7.28
C PRO B 362 -20.13 13.64 6.11
N LEU B 363 -19.59 12.99 5.08
CA LEU B 363 -19.09 13.71 3.91
C LEU B 363 -20.14 14.57 3.22
N ALA B 364 -21.38 14.08 3.19
CA ALA B 364 -22.43 14.85 2.55
C ALA B 364 -22.71 16.16 3.28
N LYS B 365 -22.41 16.21 4.58
CA LYS B 365 -22.66 17.39 5.40
C LYS B 365 -21.39 18.19 5.68
N VAL B 366 -20.44 18.18 4.75
CA VAL B 366 -19.17 18.86 4.92
C VAL B 366 -19.17 20.12 4.08
N ALA B 367 -18.85 21.25 4.71
CA ALA B 367 -18.73 22.54 4.08
C ALA B 367 -17.66 23.31 4.84
N TYR B 368 -17.60 24.63 4.65
CA TYR B 368 -16.61 25.42 5.35
C TYR B 368 -16.81 25.30 6.86
N PRO B 369 -15.73 25.39 7.65
CA PRO B 369 -15.81 24.96 9.05
C PRO B 369 -16.86 25.67 9.89
N GLU B 370 -17.16 26.94 9.59
CA GLU B 370 -18.18 27.64 10.36
C GLU B 370 -19.56 27.01 10.16
N GLN B 371 -19.90 26.65 8.92
CA GLN B 371 -21.17 25.98 8.70
C GLN B 371 -21.18 24.58 9.28
N ASN B 372 -20.03 23.90 9.28
CA ASN B 372 -19.95 22.61 9.96
C ASN B 372 -20.24 22.77 11.45
N LEU B 373 -19.70 23.82 12.06
CA LEU B 373 -19.94 24.06 13.47
C LEU B 373 -21.41 24.38 13.73
N ARG B 374 -22.02 25.17 12.84
CA ARG B 374 -23.46 25.46 13.00
C ARG B 374 -24.29 24.19 12.88
N TYR B 375 -23.89 23.29 11.99
CA TYR B 375 -24.58 22.00 11.86
C TYR B 375 -24.42 21.17 13.13
N TYR B 376 -23.21 21.15 13.68
CA TYR B 376 -22.95 20.41 14.91
C TYR B 376 -23.89 20.90 15.99
N TRP B 377 -24.03 22.22 16.11
CA TRP B 377 -24.91 22.78 17.13
C TRP B 377 -26.36 22.37 16.93
N LYS B 378 -26.82 22.38 15.68
CA LYS B 378 -28.19 21.99 15.39
C LYS B 378 -28.40 20.54 15.78
N MET B 379 -27.43 19.68 15.46
CA MET B 379 -27.53 18.28 15.82
C MET B 379 -27.53 18.12 17.33
N LYS B 380 -26.68 18.88 18.01
CA LYS B 380 -26.59 18.80 19.46
C LYS B 380 -27.90 19.18 20.13
N LYS B 381 -28.49 20.29 19.70
CA LYS B 381 -29.70 20.74 20.34
C LYS B 381 -30.80 19.78 20.06
N GLU B 382 -30.87 19.29 18.87
CA GLU B 382 -31.93 18.40 18.54
C GLU B 382 -31.82 17.14 19.34
N GLU B 383 -30.63 16.64 19.52
CA GLU B 383 -30.44 15.47 20.31
C GLU B 383 -30.82 15.69 21.76
N LYS B 384 -30.47 16.84 22.31
CA LYS B 384 -30.85 17.13 23.68
C LYS B 384 -32.34 17.10 23.80
N THR B 385 -33.05 17.49 22.76
CA THR B 385 -34.51 17.38 22.83
C THR B 385 -35.00 16.18 22.03
N ALA C 28 -20.93 -25.75 -43.12
CA ALA C 28 -21.65 -25.96 -41.87
C ALA C 28 -20.85 -26.80 -40.90
N ASN C 29 -20.09 -27.73 -41.44
CA ASN C 29 -19.23 -28.52 -40.58
C ASN C 29 -18.26 -27.53 -39.98
N LEU C 30 -17.79 -26.60 -40.78
CA LEU C 30 -16.89 -25.60 -40.29
C LEU C 30 -17.53 -24.74 -39.25
N ILE C 31 -18.77 -24.31 -39.41
CA ILE C 31 -19.31 -23.50 -38.37
C ILE C 31 -19.34 -24.30 -37.10
N LYS C 32 -19.75 -25.55 -37.17
CA LYS C 32 -19.87 -26.28 -35.92
C LYS C 32 -18.54 -26.42 -35.27
N TRP C 33 -17.54 -26.69 -36.07
CA TRP C 33 -16.23 -26.88 -35.53
C TRP C 33 -15.62 -25.67 -34.92
N VAL C 34 -15.81 -24.55 -35.56
CA VAL C 34 -15.29 -23.35 -35.02
C VAL C 34 -16.00 -23.07 -33.71
N SER C 35 -17.28 -23.37 -33.64
CA SER C 35 -17.99 -23.15 -32.41
C SER C 35 -17.41 -23.98 -31.32
N PHE C 36 -17.10 -25.21 -31.64
CA PHE C 36 -16.45 -26.08 -30.67
C PHE C 36 -15.07 -25.63 -30.21
N ILE C 37 -14.22 -25.09 -31.09
CA ILE C 37 -12.90 -24.60 -30.67
C ILE C 37 -12.86 -23.16 -30.20
N SER C 38 -13.97 -22.44 -30.23
CA SER C 38 -13.90 -21.02 -29.94
C SER C 38 -14.55 -20.72 -28.59
N GLY C 39 -14.07 -19.66 -27.96
CA GLY C 39 -14.62 -19.24 -26.68
C GLY C 39 -14.03 -20.01 -25.52
N ASP C 40 -14.88 -20.47 -24.62
CA ASP C 40 -14.45 -21.24 -23.46
C ASP C 40 -14.39 -22.73 -23.73
N MET C 41 -14.87 -23.18 -24.88
CA MET C 41 -15.11 -24.60 -25.14
C MET C 41 -15.91 -25.22 -23.98
N ALA C 42 -17.13 -24.71 -23.83
CA ALA C 42 -17.98 -25.17 -22.74
C ALA C 42 -18.37 -26.63 -22.91
N ALA C 43 -18.61 -27.06 -24.16
CA ALA C 43 -18.90 -28.47 -24.39
C ALA C 43 -17.73 -29.34 -23.98
N PHE C 44 -16.51 -28.92 -24.32
CA PHE C 44 -15.34 -29.67 -23.89
C PHE C 44 -15.20 -29.68 -22.38
N GLY C 45 -15.57 -28.58 -21.72
CA GLY C 45 -15.52 -28.56 -20.27
C GLY C 45 -16.50 -29.53 -19.63
N GLU C 46 -17.74 -29.55 -20.12
CA GLU C 46 -18.73 -30.49 -19.59
C GLU C 46 -18.32 -31.93 -19.86
N TRP C 47 -17.70 -32.19 -21.01
CA TRP C 47 -17.16 -33.52 -21.24
C TRP C 47 -15.98 -33.82 -20.31
N MET C 48 -15.17 -32.81 -20.03
CA MET C 48 -14.02 -33.01 -19.15
C MET C 48 -14.44 -33.33 -17.73
N LYS C 49 -15.60 -32.82 -17.31
CA LYS C 49 -16.07 -33.04 -15.95
C LYS C 49 -16.31 -34.52 -15.64
N GLY C 50 -16.09 -35.40 -16.61
CA GLY C 50 -16.36 -36.82 -16.41
C GLY C 50 -15.16 -37.73 -16.34
N GLN C 51 -14.07 -37.39 -17.02
CA GLN C 51 -12.95 -38.31 -17.19
C GLN C 51 -12.05 -38.33 -15.95
N PHE C 52 -10.92 -39.02 -16.10
CA PHE C 52 -9.95 -39.15 -15.02
C PHE C 52 -9.43 -37.86 -14.44
N ILE C 53 -9.10 -37.86 -13.15
CA ILE C 53 -8.66 -36.61 -12.53
C ILE C 53 -7.36 -36.13 -13.16
N LEU C 54 -6.48 -37.03 -13.63
CA LEU C 54 -5.23 -36.58 -14.23
C LEU C 54 -5.47 -35.85 -15.54
N LEU C 55 -6.39 -36.35 -16.37
CA LEU C 55 -6.70 -35.66 -17.61
C LEU C 55 -7.37 -34.32 -17.33
N GLN C 56 -8.20 -34.24 -16.28
CA GLN C 56 -8.75 -32.95 -15.88
C GLN C 56 -7.65 -32.00 -15.42
N ILE C 57 -6.64 -32.52 -14.70
CA ILE C 57 -5.53 -31.67 -14.29
C ILE C 57 -4.81 -31.13 -15.51
N MET C 58 -4.61 -31.98 -16.53
CA MET C 58 -3.97 -31.51 -17.76
C MET C 58 -4.80 -30.42 -18.42
N ASP C 59 -6.13 -30.61 -18.48
CA ASP C 59 -6.99 -29.60 -19.07
C ASP C 59 -6.91 -28.29 -18.30
N TRP C 60 -6.91 -28.36 -16.96
CA TRP C 60 -6.84 -27.15 -16.15
C TRP C 60 -5.49 -26.47 -16.30
N VAL C 61 -4.43 -27.25 -16.44
CA VAL C 61 -3.09 -26.68 -16.66
C VAL C 61 -3.06 -25.91 -17.97
N LEU C 62 -3.57 -26.52 -19.04
CA LEU C 62 -3.60 -25.82 -20.32
C LEU C 62 -4.47 -24.57 -20.25
N ARG C 63 -5.60 -24.68 -19.56
CA ARG C 63 -6.54 -23.58 -19.46
C ARG C 63 -5.94 -22.42 -18.68
N GLY C 64 -5.22 -22.73 -17.58
CA GLY C 64 -4.53 -21.69 -16.85
C GLY C 64 -3.39 -21.09 -17.63
N ALA C 65 -2.70 -21.89 -18.44
CA ALA C 65 -1.67 -21.34 -19.32
C ALA C 65 -2.28 -20.34 -20.28
N ALA C 66 -3.45 -20.64 -20.81
CA ALA C 66 -4.13 -19.74 -21.73
C ALA C 66 -4.70 -18.51 -21.05
N GLN C 67 -5.06 -18.58 -19.78
CA GLN C 67 -5.73 -17.49 -19.07
C GLN C 67 -4.86 -16.34 -18.72
N VAL C 68 -3.59 -16.42 -18.99
CA VAL C 68 -2.76 -15.25 -18.75
C VAL C 68 -3.23 -14.08 -19.61
N MET C 69 -3.70 -14.37 -20.82
CA MET C 69 -4.28 -13.36 -21.69
C MET C 69 -5.80 -13.37 -21.68
N PHE C 70 -6.41 -13.69 -20.53
CA PHE C 70 -7.86 -13.68 -20.35
C PHE C 70 -8.55 -14.58 -21.37
N VAL C 71 -8.01 -15.78 -21.55
CA VAL C 71 -8.56 -16.77 -22.46
C VAL C 71 -8.75 -18.06 -21.72
N ASN C 72 -9.97 -18.59 -21.77
CA ASN C 72 -10.40 -19.76 -21.01
C ASN C 72 -10.45 -21.00 -21.90
N ASN C 73 -9.46 -21.15 -22.78
CA ASN C 73 -9.51 -22.12 -23.87
C ASN C 73 -8.37 -23.12 -23.75
N PRO C 74 -8.65 -24.44 -23.78
CA PRO C 74 -7.55 -25.41 -23.70
C PRO C 74 -6.69 -25.46 -24.94
N LEU C 75 -7.28 -25.42 -26.13
CA LEU C 75 -6.51 -25.46 -27.36
C LEU C 75 -5.56 -24.27 -27.45
N SER C 76 -6.06 -23.09 -27.09
CA SER C 76 -5.19 -21.92 -27.05
C SER C 76 -4.07 -22.12 -26.04
N GLY C 77 -4.34 -22.81 -24.93
CA GLY C 77 -3.29 -23.08 -23.97
C GLY C 77 -2.22 -24.00 -24.52
N LEU C 78 -2.63 -25.01 -25.29
CA LEU C 78 -1.66 -25.88 -25.96
C LEU C 78 -0.82 -25.08 -26.95
N ILE C 79 -1.45 -24.14 -27.67
CA ILE C 79 -0.72 -23.29 -28.59
C ILE C 79 0.27 -22.40 -27.83
N ILE C 80 -0.14 -21.89 -26.67
CA ILE C 80 0.76 -21.06 -25.86
C ILE C 80 1.96 -21.88 -25.40
N PHE C 81 1.72 -23.12 -24.97
CA PHE C 81 2.84 -23.97 -24.57
C PHE C 81 3.74 -24.29 -25.75
N ALA C 82 3.17 -24.46 -26.94
CA ALA C 82 4.00 -24.64 -28.13
C ALA C 82 4.91 -23.43 -28.35
N GLY C 83 4.36 -22.23 -28.19
CA GLY C 83 5.18 -21.03 -28.33
C GLY C 83 6.27 -20.95 -27.27
N LEU C 84 5.92 -21.26 -26.02
CA LEU C 84 6.91 -21.23 -24.94
C LEU C 84 8.02 -22.23 -25.19
N ILE C 85 7.69 -23.44 -25.65
CA ILE C 85 8.71 -24.42 -26.00
C ILE C 85 9.55 -23.91 -27.16
N LEU C 86 8.92 -23.19 -28.09
CA LEU C 86 9.67 -22.64 -29.21
C LEU C 86 10.73 -21.64 -28.74
N GLN C 87 10.38 -20.79 -27.79
CA GLN C 87 11.35 -19.79 -27.34
C GLN C 87 12.47 -20.43 -26.53
N ASN C 88 12.13 -21.03 -25.39
CA ASN C 88 13.14 -21.63 -24.53
C ASN C 88 12.51 -22.79 -23.76
N ARG C 89 13.09 -23.98 -23.91
CA ARG C 89 12.55 -25.18 -23.27
C ARG C 89 12.58 -25.08 -21.75
N TRP C 90 13.68 -24.59 -21.20
CA TRP C 90 13.79 -24.53 -19.75
C TRP C 90 12.71 -23.63 -19.15
N TRP C 91 12.45 -22.49 -19.79
CA TRP C 91 11.40 -21.60 -19.32
C TRP C 91 10.04 -22.28 -19.40
N ALA C 92 9.79 -23.01 -20.50
CA ALA C 92 8.53 -23.71 -20.64
C ALA C 92 8.36 -24.78 -19.57
N LEU C 93 9.44 -25.51 -19.27
CA LEU C 93 9.37 -26.53 -18.21
C LEU C 93 9.06 -25.90 -16.87
N ASN C 94 9.73 -24.78 -16.54
CA ASN C 94 9.43 -24.11 -15.28
C ASN C 94 8.00 -23.61 -15.24
N GLY C 95 7.50 -23.08 -16.36
CA GLY C 95 6.12 -22.63 -16.39
C GLY C 95 5.13 -23.76 -16.19
N PHE C 96 5.39 -24.91 -16.83
CA PHE C 96 4.53 -26.07 -16.66
C PHE C 96 4.54 -26.55 -15.22
N VAL C 97 5.72 -26.62 -14.61
CA VAL C 97 5.82 -27.03 -13.21
C VAL C 97 5.06 -26.06 -12.33
N GLY C 98 5.21 -24.76 -12.58
CA GLY C 98 4.51 -23.77 -11.77
C GLY C 98 3.01 -23.88 -11.88
N THR C 99 2.48 -24.02 -13.10
CA THR C 99 1.04 -24.10 -13.24
C THR C 99 0.47 -25.38 -12.65
N VAL C 100 1.17 -26.51 -12.85
CA VAL C 100 0.65 -27.76 -12.31
C VAL C 100 0.67 -27.75 -10.79
N PHE C 101 1.72 -27.17 -10.20
CA PHE C 101 1.77 -27.16 -8.74
C PHE C 101 0.86 -26.11 -8.14
N ALA C 102 0.59 -25.01 -8.86
CA ALA C 102 -0.42 -24.08 -8.41
C ALA C 102 -1.81 -24.72 -8.41
N THR C 103 -2.12 -25.50 -9.45
CA THR C 103 -3.39 -26.21 -9.48
C THR C 103 -3.47 -27.23 -8.35
N ILE C 104 -2.39 -27.96 -8.10
CA ILE C 104 -2.38 -28.93 -7.00
C ILE C 104 -2.58 -28.23 -5.67
N SER C 105 -1.93 -27.09 -5.46
CA SER C 105 -2.09 -26.35 -4.22
C SER C 105 -3.52 -25.84 -4.07
N ALA C 106 -4.12 -25.37 -5.16
CA ALA C 106 -5.52 -24.96 -5.10
C ALA C 106 -6.41 -26.13 -4.71
N LEU C 107 -6.08 -27.34 -5.19
CA LEU C 107 -6.87 -28.51 -4.82
C LEU C 107 -6.70 -28.86 -3.35
N ILE C 108 -5.46 -28.89 -2.85
CA ILE C 108 -5.24 -29.33 -1.47
C ILE C 108 -5.82 -28.33 -0.49
N LEU C 109 -5.88 -27.06 -0.87
CA LEU C 109 -6.50 -26.04 -0.03
C LEU C 109 -8.00 -25.98 -0.21
N CYS C 110 -8.58 -26.83 -1.06
CA CYS C 110 -10.02 -26.86 -1.29
C CYS C 110 -10.53 -25.47 -1.66
N GLN C 111 -9.84 -24.83 -2.60
CA GLN C 111 -10.19 -23.45 -2.95
C GLN C 111 -11.56 -23.39 -3.61
N ASN C 112 -11.70 -24.01 -4.79
CA ASN C 112 -12.97 -24.05 -5.51
C ASN C 112 -12.86 -24.88 -6.77
N ARG C 113 -13.98 -25.44 -7.21
CA ARG C 113 -14.11 -26.04 -8.54
C ARG C 113 -14.95 -25.12 -9.40
N GLY C 114 -14.57 -24.97 -10.65
CA GLY C 114 -15.08 -23.92 -11.49
C GLY C 114 -14.20 -22.69 -11.51
N ALA C 115 -13.33 -22.55 -10.50
CA ALA C 115 -12.22 -21.61 -10.52
C ALA C 115 -10.92 -22.32 -10.86
N ILE C 116 -10.65 -23.44 -10.18
CA ILE C 116 -9.54 -24.30 -10.59
C ILE C 116 -9.83 -24.95 -11.94
N ALA C 117 -11.09 -25.31 -12.17
CA ALA C 117 -11.45 -25.94 -13.44
C ALA C 117 -11.41 -24.96 -14.60
N ALA C 118 -11.60 -23.68 -14.33
CA ALA C 118 -11.52 -22.65 -15.36
C ALA C 118 -10.11 -22.11 -15.54
N GLY C 119 -9.15 -22.61 -14.77
CA GLY C 119 -7.78 -22.15 -14.88
C GLY C 119 -7.45 -20.91 -14.10
N LEU C 120 -8.35 -20.44 -13.24
CA LEU C 120 -8.12 -19.19 -12.52
C LEU C 120 -7.05 -19.32 -11.45
N TYR C 121 -6.60 -20.53 -11.13
CA TYR C 121 -5.54 -20.74 -10.16
C TYR C 121 -4.24 -21.19 -10.82
N GLY C 122 -4.18 -21.20 -12.14
CA GLY C 122 -3.01 -21.72 -12.82
C GLY C 122 -2.19 -20.69 -13.53
N TYR C 123 -2.81 -19.60 -13.98
CA TYR C 123 -2.07 -18.58 -14.72
C TYR C 123 -1.02 -17.92 -13.86
N ASN C 124 -1.33 -17.69 -12.58
CA ASN C 124 -0.33 -17.15 -11.67
C ASN C 124 0.85 -18.11 -11.55
N GLY C 125 0.58 -19.42 -11.48
CA GLY C 125 1.65 -20.39 -11.38
C GLY C 125 2.53 -20.43 -12.61
N ILE C 126 1.92 -20.45 -13.80
CA ILE C 126 2.72 -20.51 -15.02
C ILE C 126 3.54 -19.25 -15.18
N LEU C 127 2.95 -18.10 -14.85
CA LEU C 127 3.71 -16.86 -14.91
C LEU C 127 4.87 -16.88 -13.91
N VAL C 128 4.63 -17.37 -12.70
CA VAL C 128 5.69 -17.43 -11.70
C VAL C 128 6.83 -18.28 -12.20
N GLY C 129 6.52 -19.46 -12.73
CA GLY C 129 7.57 -20.33 -13.25
C GLY C 129 8.33 -19.68 -14.38
N LEU C 130 7.61 -19.13 -15.36
CA LEU C 130 8.26 -18.54 -16.52
C LEU C 130 9.16 -17.38 -16.13
N LEU C 131 8.66 -16.46 -15.31
CA LEU C 131 9.42 -15.27 -15.02
C LEU C 131 10.46 -15.48 -13.93
N MET C 132 10.36 -16.58 -13.16
CA MET C 132 11.46 -16.96 -12.30
C MET C 132 12.57 -17.61 -13.09
N ALA C 133 12.22 -18.33 -14.15
CA ALA C 133 13.24 -18.82 -15.07
C ALA C 133 13.89 -17.67 -15.83
N VAL C 134 13.11 -16.68 -16.24
CA VAL C 134 13.63 -15.61 -17.08
C VAL C 134 14.64 -14.77 -16.34
N PHE C 135 14.35 -14.45 -15.08
CA PHE C 135 15.24 -13.54 -14.35
C PHE C 135 16.31 -14.20 -13.51
N SER C 136 16.46 -15.51 -13.63
CA SER C 136 17.48 -16.23 -12.88
C SER C 136 18.81 -16.12 -13.60
N ASN C 137 19.83 -15.67 -12.87
CA ASN C 137 21.18 -15.58 -13.39
C ASN C 137 21.96 -16.88 -13.27
N ALA C 138 21.37 -17.90 -12.66
CA ALA C 138 22.08 -19.15 -12.45
C ALA C 138 22.40 -19.84 -13.77
N GLY C 139 21.50 -19.79 -14.72
CA GLY C 139 21.70 -20.34 -16.04
C GLY C 139 20.57 -21.23 -16.43
N ASP C 140 20.71 -21.87 -17.59
CA ASP C 140 19.71 -22.81 -18.07
C ASP C 140 19.89 -24.14 -17.39
N TRP C 141 18.77 -24.82 -17.13
CA TRP C 141 18.76 -26.13 -16.50
C TRP C 141 19.42 -26.10 -15.12
N TYR C 142 19.14 -25.05 -14.37
CA TYR C 142 19.46 -24.98 -12.94
C TYR C 142 18.32 -25.64 -12.21
N TRP C 143 18.46 -26.94 -11.94
CA TRP C 143 17.34 -27.71 -11.42
C TRP C 143 16.90 -27.23 -10.05
N TRP C 144 17.83 -26.68 -9.26
CA TRP C 144 17.47 -26.16 -7.95
C TRP C 144 16.39 -25.09 -8.04
N LEU C 145 16.34 -24.38 -9.18
CA LEU C 145 15.32 -23.35 -9.37
C LEU C 145 13.91 -23.91 -9.27
N LEU C 146 13.74 -25.21 -9.47
CA LEU C 146 12.41 -25.79 -9.33
C LEU C 146 11.91 -25.66 -7.90
N LEU C 147 12.81 -25.75 -6.91
CA LEU C 147 12.37 -25.73 -5.52
C LEU C 147 11.63 -24.45 -5.15
N PRO C 148 12.13 -23.24 -5.45
CA PRO C 148 11.27 -22.07 -5.27
C PRO C 148 10.03 -22.11 -6.15
N ASN C 149 10.17 -22.61 -7.38
CA ASN C 149 9.03 -22.69 -8.28
C ASN C 149 7.95 -23.60 -7.73
N ILE C 150 8.35 -24.72 -7.12
CA ILE C 150 7.39 -25.55 -6.40
C ILE C 150 6.73 -24.74 -5.28
N PHE C 151 7.54 -23.99 -4.53
CA PHE C 151 7.03 -23.28 -3.37
C PHE C 151 6.13 -22.13 -3.80
N MET C 152 6.67 -21.23 -4.63
CA MET C 152 5.91 -20.05 -5.04
C MET C 152 4.61 -20.42 -5.72
N SER C 153 4.64 -21.39 -6.63
CA SER C 153 3.40 -21.79 -7.27
C SER C 153 2.38 -22.25 -6.24
N MET C 154 2.83 -23.04 -5.26
CA MET C 154 1.90 -23.49 -4.25
C MET C 154 1.43 -22.36 -3.35
N ALA C 155 2.16 -21.25 -3.31
CA ALA C 155 1.68 -20.09 -2.58
C ALA C 155 0.81 -19.19 -3.42
N CYS C 156 0.70 -19.45 -4.73
CA CYS C 156 -0.18 -18.62 -5.57
C CYS C 156 -1.63 -18.69 -5.15
N PRO C 157 -2.23 -19.86 -4.88
CA PRO C 157 -3.63 -19.84 -4.41
C PRO C 157 -3.81 -19.07 -3.12
N ILE C 158 -2.99 -19.35 -2.10
CA ILE C 158 -3.14 -18.70 -0.79
C ILE C 158 -3.26 -17.20 -0.97
N VAL C 159 -2.21 -16.59 -1.52
CA VAL C 159 -2.19 -15.14 -1.70
C VAL C 159 -3.40 -14.71 -2.52
N SER C 160 -3.69 -15.42 -3.62
CA SER C 160 -4.86 -15.10 -4.44
C SER C 160 -6.14 -15.08 -3.62
N SER C 161 -6.36 -16.11 -2.80
CA SER C 161 -7.53 -16.11 -1.94
C SER C 161 -7.53 -14.90 -1.04
N ALA C 162 -6.38 -14.61 -0.43
CA ALA C 162 -6.30 -13.45 0.45
C ALA C 162 -6.73 -12.19 -0.29
N LEU C 163 -6.11 -11.93 -1.43
CA LEU C 163 -6.47 -10.75 -2.21
C LEU C 163 -7.93 -10.77 -2.64
N ALA C 164 -8.49 -11.95 -2.90
CA ALA C 164 -9.91 -12.03 -3.22
C ALA C 164 -10.74 -11.48 -2.07
N SER C 165 -10.42 -11.88 -0.84
CA SER C 165 -11.18 -11.40 0.31
C SER C 165 -11.15 -9.89 0.41
N ILE C 166 -10.09 -9.27 -0.12
CA ILE C 166 -10.06 -7.82 -0.14
C ILE C 166 -10.75 -7.29 -1.38
N ASN C 167 -10.50 -7.91 -2.53
CA ASN C 167 -10.99 -7.36 -3.79
C ASN C 167 -12.47 -7.63 -4.00
N SER C 168 -12.97 -8.78 -3.52
CA SER C 168 -14.36 -9.14 -3.73
C SER C 168 -15.31 -8.16 -3.06
N ARG C 169 -14.82 -7.36 -2.12
CA ARG C 169 -15.66 -6.34 -1.51
C ARG C 169 -16.09 -5.29 -2.52
N TRP C 170 -15.26 -5.04 -3.52
CA TRP C 170 -15.58 -4.07 -4.57
C TRP C 170 -15.94 -4.74 -5.89
N ASP C 171 -16.16 -6.05 -5.89
CA ASP C 171 -16.37 -6.82 -7.12
C ASP C 171 -15.23 -6.60 -8.11
N LEU C 172 -14.01 -6.70 -7.62
CA LEU C 172 -12.90 -6.49 -8.48
C LEU C 172 -12.08 -7.73 -8.55
N PRO C 173 -11.52 -8.04 -9.70
CA PRO C 173 -10.66 -9.18 -9.86
C PRO C 173 -9.29 -9.11 -9.25
N VAL C 174 -8.71 -10.23 -8.84
CA VAL C 174 -7.35 -10.32 -8.25
C VAL C 174 -6.33 -10.01 -9.26
N PHE C 175 -6.58 -10.41 -10.47
CA PHE C 175 -5.67 -10.16 -11.57
C PHE C 175 -4.40 -10.88 -11.37
N THR C 176 -3.28 -10.28 -11.69
CA THR C 176 -2.02 -10.97 -11.64
C THR C 176 -1.32 -10.60 -10.41
N LEU C 177 -2.05 -10.06 -9.46
CA LEU C 177 -1.45 -9.65 -8.18
C LEU C 177 -0.62 -10.70 -7.44
N PRO C 178 -1.11 -11.96 -7.35
CA PRO C 178 -0.24 -12.90 -6.63
C PRO C 178 1.07 -13.07 -7.35
N PHE C 179 1.04 -13.20 -8.68
CA PHE C 179 2.29 -13.30 -9.39
C PHE C 179 3.17 -12.11 -9.00
N ASN C 180 2.66 -10.88 -9.14
CA ASN C 180 3.48 -9.72 -8.81
C ASN C 180 4.11 -9.86 -7.45
N ILE C 181 3.29 -10.07 -6.44
CA ILE C 181 3.76 -10.15 -5.07
C ILE C 181 4.81 -11.23 -4.92
N LEU C 182 4.51 -12.44 -5.39
CA LEU C 182 5.40 -13.57 -5.12
C LEU C 182 6.70 -13.48 -5.92
N VAL C 183 6.65 -13.13 -7.19
CA VAL C 183 7.92 -13.05 -7.91
C VAL C 183 8.75 -11.87 -7.43
N CYS C 184 8.12 -10.78 -7.00
CA CYS C 184 8.89 -9.68 -6.43
C CYS C 184 9.55 -10.11 -5.13
N LEU C 185 8.81 -10.82 -4.27
CA LEU C 185 9.42 -11.42 -3.08
C LEU C 185 10.62 -12.28 -3.44
N HIS C 186 10.47 -13.13 -4.45
CA HIS C 186 11.58 -14.00 -4.80
C HIS C 186 12.79 -13.20 -5.26
N MET C 187 12.58 -12.26 -6.18
CA MET C 187 13.72 -11.59 -6.77
C MET C 187 14.36 -10.60 -5.81
N VAL C 188 13.64 -10.17 -4.78
CA VAL C 188 14.28 -9.25 -3.83
C VAL C 188 14.85 -10.00 -2.62
N ALA C 189 14.22 -11.08 -2.16
CA ALA C 189 14.79 -11.87 -1.09
C ALA C 189 16.05 -12.58 -1.56
N THR C 190 16.06 -13.06 -2.80
CA THR C 190 17.24 -13.68 -3.37
C THR C 190 18.24 -12.62 -3.83
N GLY C 191 17.82 -11.77 -4.76
CA GLY C 191 18.69 -10.71 -5.24
C GLY C 191 19.74 -11.20 -6.21
N HIS C 192 20.55 -10.26 -6.67
CA HIS C 192 21.63 -10.58 -7.58
C HIS C 192 22.83 -11.21 -6.89
N TYR C 193 22.89 -11.17 -5.56
CA TYR C 193 24.12 -11.48 -4.85
C TYR C 193 24.01 -12.69 -3.94
N ASN C 194 22.93 -13.46 -4.01
CA ASN C 194 22.89 -14.65 -3.18
C ASN C 194 23.54 -15.82 -3.92
N GLN C 195 24.05 -16.76 -3.13
CA GLN C 195 24.85 -17.85 -3.68
C GLN C 195 23.99 -18.92 -4.34
N TYR C 196 22.73 -19.06 -3.93
CA TYR C 196 21.92 -20.18 -4.37
C TYR C 196 21.03 -19.83 -5.56
N PHE C 197 20.29 -18.73 -5.48
CA PHE C 197 19.31 -18.36 -6.50
C PHE C 197 19.57 -16.95 -6.98
N PRO C 198 20.61 -16.75 -7.79
CA PRO C 198 20.92 -15.40 -8.25
C PRO C 198 19.87 -14.87 -9.20
N GLN C 199 19.78 -13.54 -9.25
CA GLN C 199 18.90 -12.84 -10.17
C GLN C 199 19.73 -11.90 -11.02
N ILE C 200 19.14 -11.48 -12.14
CA ILE C 200 19.83 -10.54 -13.01
C ILE C 200 19.96 -9.20 -12.31
N LEU C 201 20.91 -8.41 -12.76
CA LEU C 201 21.18 -7.13 -12.13
C LEU C 201 20.32 -6.05 -12.78
N ILE C 202 19.45 -5.44 -11.99
CA ILE C 202 18.60 -4.35 -12.47
C ILE C 202 19.01 -3.10 -11.70
N GLN C 203 19.60 -2.12 -12.38
CA GLN C 203 20.07 -0.92 -11.73
C GLN C 203 19.28 0.30 -12.20
N PRO C 204 19.07 1.27 -11.33
CA PRO C 204 18.38 2.49 -11.77
C PRO C 204 19.23 3.29 -12.74
N THR C 205 18.56 4.10 -13.56
CA THR C 205 19.26 4.91 -14.54
C THR C 205 20.10 5.97 -13.85
N THR C 206 21.36 6.09 -14.27
CA THR C 206 22.28 7.04 -13.68
C THR C 206 22.84 8.06 -14.65
N SER C 207 22.99 7.70 -15.93
CA SER C 207 23.50 8.62 -16.94
C SER C 207 22.41 8.89 -17.96
N MET C 208 22.49 10.07 -18.57
CA MET C 208 21.49 10.47 -19.56
C MET C 208 21.78 9.81 -20.89
N SER C 209 20.77 9.21 -21.49
CA SER C 209 20.92 8.51 -22.77
C SER C 209 20.29 9.34 -23.87
N ASN C 210 21.06 9.63 -24.91
CA ASN C 210 20.56 10.39 -26.04
C ASN C 210 19.87 9.49 -27.05
N LEU C 211 18.69 9.92 -27.49
CA LEU C 211 17.90 9.19 -28.47
C LEU C 211 18.05 9.87 -29.82
N THR C 212 18.77 9.23 -30.73
CA THR C 212 18.91 9.72 -32.09
C THR C 212 17.72 9.19 -32.88
N TRP C 213 16.75 10.08 -33.15
CA TRP C 213 15.55 9.66 -33.85
C TRP C 213 15.85 9.17 -35.26
N SER C 214 17.00 9.52 -35.82
CA SER C 214 17.37 9.02 -37.13
C SER C 214 17.77 7.55 -37.10
N GLU C 215 18.04 7.01 -35.92
CA GLU C 215 18.41 5.61 -35.78
C GLU C 215 17.22 4.70 -35.55
N LEU C 216 16.00 5.24 -35.58
CA LEU C 216 14.81 4.42 -35.39
C LEU C 216 14.65 3.45 -36.54
N ASP C 217 14.41 2.18 -36.20
CA ASP C 217 14.19 1.13 -37.19
C ASP C 217 12.71 0.79 -37.18
N TYR C 218 12.01 1.12 -38.27
CA TYR C 218 10.57 0.94 -38.30
C TYR C 218 10.19 -0.54 -38.35
N ALA C 219 11.05 -1.38 -38.93
CA ALA C 219 10.76 -2.82 -38.97
C ALA C 219 10.66 -3.38 -37.56
N GLN C 220 11.67 -3.14 -36.72
CA GLN C 220 11.59 -3.58 -35.34
C GLN C 220 10.53 -2.82 -34.58
N LEU C 221 10.32 -1.55 -34.93
CA LEU C 221 9.36 -0.74 -34.22
C LEU C 221 7.95 -1.32 -34.37
N PHE C 222 7.64 -1.87 -35.53
CA PHE C 222 6.37 -2.57 -35.74
C PHE C 222 6.42 -4.03 -35.32
N ARG C 223 7.60 -4.64 -35.26
CA ARG C 223 7.70 -5.96 -34.63
C ARG C 223 7.43 -5.87 -33.14
N SER C 224 7.45 -4.66 -32.58
CA SER C 224 7.14 -4.49 -31.17
C SER C 224 5.74 -5.01 -30.82
N ILE C 225 4.82 -5.04 -31.77
CA ILE C 225 3.46 -5.52 -31.48
C ILE C 225 3.47 -7.03 -31.23
N PRO C 226 3.96 -7.88 -32.15
CA PRO C 226 4.04 -9.30 -31.82
C PRO C 226 4.94 -9.58 -30.62
N VAL C 227 6.10 -8.91 -30.55
CA VAL C 227 6.99 -9.14 -29.42
C VAL C 227 6.35 -8.65 -28.13
N GLY C 228 5.63 -7.53 -28.20
CA GLY C 228 4.95 -7.03 -27.02
C GLY C 228 3.88 -7.98 -26.52
N ILE C 229 3.08 -8.53 -27.43
CA ILE C 229 2.05 -9.47 -27.00
C ILE C 229 2.67 -10.78 -26.52
N GLY C 230 3.85 -11.15 -27.05
CA GLY C 230 4.53 -12.32 -26.56
C GLY C 230 5.24 -12.13 -25.24
N GLN C 231 5.54 -10.89 -24.87
CA GLN C 231 6.26 -10.60 -23.64
C GLN C 231 5.41 -10.75 -22.39
N VAL C 232 4.13 -11.05 -22.55
CA VAL C 232 3.25 -11.18 -21.43
C VAL C 232 3.78 -12.37 -20.72
N TYR C 233 4.24 -13.35 -21.48
CA TYR C 233 4.71 -14.59 -20.92
C TYR C 233 6.19 -14.67 -20.81
N GLY C 234 6.88 -13.57 -20.96
CA GLY C 234 8.31 -13.54 -20.88
C GLY C 234 9.09 -13.75 -22.14
N CYS C 235 8.42 -13.91 -23.26
CA CYS C 235 9.10 -14.21 -24.50
C CYS C 235 9.36 -13.05 -25.43
N ASP C 236 10.63 -12.80 -25.76
CA ASP C 236 10.97 -11.67 -26.65
C ASP C 236 11.13 -12.12 -28.09
N ASN C 237 10.43 -13.18 -28.47
CA ASN C 237 10.55 -13.71 -29.82
C ASN C 237 9.31 -13.32 -30.61
N ALA C 238 9.52 -12.82 -31.84
CA ALA C 238 8.39 -12.39 -32.66
C ALA C 238 7.50 -13.57 -33.02
N TRP C 239 8.11 -14.72 -33.32
CA TRP C 239 7.32 -15.90 -33.68
C TRP C 239 6.45 -16.36 -32.52
N THR C 240 6.99 -16.31 -31.29
CA THR C 240 6.18 -16.68 -30.14
C THR C 240 5.02 -15.72 -29.97
N GLY C 241 5.24 -14.44 -30.21
CA GLY C 241 4.14 -13.49 -30.18
C GLY C 241 3.09 -13.78 -31.22
N GLY C 242 3.52 -14.16 -32.43
CA GLY C 242 2.57 -14.52 -33.46
C GLY C 242 1.76 -15.75 -33.09
N ILE C 243 2.41 -16.73 -32.47
CA ILE C 243 1.71 -17.92 -32.00
C ILE C 243 0.68 -17.53 -30.93
N PHE C 244 1.05 -16.63 -30.04
CA PHE C 244 0.11 -16.17 -29.03
C PHE C 244 -1.08 -15.44 -29.66
N MET C 245 -0.81 -14.63 -30.70
CA MET C 245 -1.90 -13.96 -31.41
C MET C 245 -2.81 -14.96 -32.09
N ILE C 246 -2.24 -16.03 -32.63
CA ILE C 246 -3.06 -17.09 -33.23
C ILE C 246 -3.97 -17.71 -32.19
N ALA C 247 -3.42 -17.99 -31.00
CA ALA C 247 -4.23 -18.54 -29.91
C ALA C 247 -5.35 -17.59 -29.53
N LEU C 248 -5.04 -16.30 -29.41
CA LEU C 248 -6.06 -15.32 -29.06
C LEU C 248 -7.15 -15.26 -30.13
N PHE C 249 -6.77 -15.29 -31.40
CA PHE C 249 -7.74 -15.24 -32.48
C PHE C 249 -8.65 -16.45 -32.46
N ILE C 250 -8.08 -17.64 -32.22
CA ILE C 250 -8.92 -18.83 -32.11
C ILE C 250 -9.89 -18.69 -30.94
N SER C 251 -9.42 -18.13 -29.83
CA SER C 251 -10.29 -17.96 -28.67
C SER C 251 -11.38 -16.92 -28.95
N SER C 252 -10.98 -15.67 -29.17
CA SER C 252 -11.94 -14.60 -29.42
C SER C 252 -11.30 -13.45 -30.19
N PRO C 253 -11.84 -13.09 -31.34
CA PRO C 253 -11.25 -11.99 -32.12
C PRO C 253 -11.22 -10.66 -31.39
N ILE C 254 -12.19 -10.39 -30.51
CA ILE C 254 -12.18 -9.12 -29.78
C ILE C 254 -10.95 -9.03 -28.89
N THR C 255 -10.58 -10.14 -28.23
CA THR C 255 -9.38 -10.14 -27.42
C THR C 255 -8.14 -9.90 -28.28
N PHE C 256 -8.10 -10.50 -29.47
CA PHE C 256 -6.96 -10.29 -30.36
C PHE C 256 -6.85 -8.82 -30.79
N ALA C 257 -7.98 -8.21 -31.13
CA ALA C 257 -7.97 -6.82 -31.56
C ALA C 257 -7.52 -5.92 -30.41
N HIS C 258 -8.07 -6.12 -29.22
CA HIS C 258 -7.67 -5.30 -28.09
C HIS C 258 -6.22 -5.55 -27.71
N ALA C 259 -5.73 -6.77 -27.92
CA ALA C 259 -4.35 -7.09 -27.63
C ALA C 259 -3.40 -6.32 -28.55
N THR C 260 -3.64 -6.37 -29.86
CA THR C 260 -2.79 -5.63 -30.77
C THR C 260 -2.91 -4.13 -30.57
N ILE C 261 -4.11 -3.64 -30.23
CA ILE C 261 -4.27 -2.22 -29.94
C ILE C 261 -3.49 -1.83 -28.70
N GLY C 262 -3.51 -2.68 -27.67
CA GLY C 262 -2.75 -2.39 -26.47
C GLY C 262 -1.26 -2.36 -26.71
N SER C 263 -0.76 -3.30 -27.51
CA SER C 263 0.67 -3.27 -27.81
C SER C 263 1.03 -2.05 -28.62
N ALA C 264 0.15 -1.64 -29.55
CA ALA C 264 0.40 -0.43 -30.33
C ALA C 264 0.43 0.81 -29.44
N VAL C 265 -0.51 0.93 -28.51
CA VAL C 265 -0.49 2.09 -27.63
C VAL C 265 0.70 2.05 -26.69
N GLY C 266 1.15 0.86 -26.29
CA GLY C 266 2.37 0.76 -25.50
C GLY C 266 3.60 1.23 -26.24
N MET C 267 3.75 0.82 -27.50
CA MET C 267 4.89 1.26 -28.29
C MET C 267 4.86 2.74 -28.64
N VAL C 268 3.66 3.31 -28.84
CA VAL C 268 3.60 4.74 -29.10
C VAL C 268 3.86 5.53 -27.82
N SER C 269 3.37 5.02 -26.68
CA SER C 269 3.65 5.68 -25.40
C SER C 269 5.13 5.64 -25.06
N GLY C 270 5.79 4.51 -25.35
CA GLY C 270 7.23 4.44 -25.15
C GLY C 270 7.97 5.43 -26.02
N LEU C 271 7.52 5.60 -27.26
CA LEU C 271 8.10 6.64 -28.11
C LEU C 271 7.88 8.02 -27.53
N ALA C 272 6.73 8.24 -26.90
CA ALA C 272 6.40 9.59 -26.40
C ALA C 272 7.20 9.95 -25.16
N LEU C 273 7.59 8.96 -24.35
CA LEU C 273 8.24 9.22 -23.07
C LEU C 273 9.76 9.06 -23.13
N ALA C 274 10.34 9.16 -24.32
CA ALA C 274 11.79 9.08 -24.50
C ALA C 274 12.37 7.79 -23.94
N ALA C 275 11.63 6.69 -24.07
CA ALA C 275 12.17 5.40 -23.67
C ALA C 275 13.23 4.96 -24.67
N PRO C 276 14.23 4.22 -24.21
CA PRO C 276 15.24 3.69 -25.14
C PRO C 276 14.58 2.80 -26.19
N PHE C 277 15.07 2.91 -27.42
CA PHE C 277 14.44 2.20 -28.52
C PHE C 277 14.54 0.69 -28.35
N LYS C 278 15.61 0.22 -27.71
CA LYS C 278 15.77 -1.22 -27.53
C LYS C 278 14.67 -1.79 -26.64
N ASN C 279 14.23 -1.03 -25.64
CA ASN C 279 13.14 -1.48 -24.79
C ASN C 279 11.85 -1.61 -25.57
N ILE C 280 11.55 -0.66 -26.46
CA ILE C 280 10.36 -0.75 -27.29
C ILE C 280 10.47 -1.94 -28.23
N TYR C 281 11.65 -2.16 -28.81
CA TYR C 281 11.83 -3.27 -29.74
C TYR C 281 11.60 -4.61 -29.05
N MET C 282 12.09 -4.76 -27.82
CA MET C 282 11.95 -6.00 -27.08
C MET C 282 10.57 -6.18 -26.47
N GLY C 283 9.64 -5.27 -26.75
CA GLY C 283 8.28 -5.44 -26.25
C GLY C 283 8.10 -5.17 -24.78
N LEU C 284 9.09 -4.51 -24.16
CA LEU C 284 9.03 -4.20 -22.71
C LEU C 284 8.03 -3.11 -22.40
N TRP C 285 7.41 -2.53 -23.42
CA TRP C 285 6.41 -1.49 -23.23
C TRP C 285 5.01 -1.94 -23.65
N GLY C 286 4.82 -3.22 -23.93
CA GLY C 286 3.56 -3.67 -24.47
C GLY C 286 2.75 -4.64 -23.64
N TYR C 287 3.42 -5.51 -22.87
CA TYR C 287 2.70 -6.57 -22.18
C TYR C 287 1.72 -6.03 -21.16
N ASN C 288 2.13 -5.02 -20.40
CA ASN C 288 1.20 -4.39 -19.47
C ASN C 288 0.02 -3.78 -20.21
N CYS C 289 0.29 -3.13 -21.35
CA CYS C 289 -0.76 -2.46 -22.10
C CYS C 289 -1.70 -3.44 -22.76
N VAL C 290 -1.16 -4.54 -23.31
CA VAL C 290 -2.05 -5.54 -23.91
C VAL C 290 -2.94 -6.14 -22.84
N LEU C 291 -2.38 -6.44 -21.67
CA LEU C 291 -3.21 -7.00 -20.60
C LEU C 291 -4.29 -6.00 -20.18
N ALA C 292 -3.94 -4.73 -20.02
CA ALA C 292 -4.91 -3.74 -19.59
C ALA C 292 -6.01 -3.55 -20.63
N CYS C 293 -5.64 -3.48 -21.91
CA CYS C 293 -6.62 -3.27 -22.96
C CYS C 293 -7.55 -4.47 -23.07
N ILE C 294 -7.02 -5.69 -22.93
CA ILE C 294 -7.88 -6.86 -22.94
C ILE C 294 -8.85 -6.82 -21.77
N ALA C 295 -8.34 -6.48 -20.58
CA ALA C 295 -9.16 -6.54 -19.38
C ALA C 295 -10.29 -5.51 -19.41
N ILE C 296 -9.95 -4.24 -19.69
CA ILE C 296 -10.96 -3.19 -19.64
C ILE C 296 -11.88 -3.28 -20.85
N GLY C 297 -11.33 -3.50 -22.03
CA GLY C 297 -12.11 -3.49 -23.24
C GLY C 297 -12.82 -4.79 -23.54
N GLY C 298 -13.89 -5.08 -22.82
CA GLY C 298 -14.71 -6.23 -23.14
C GLY C 298 -14.72 -7.30 -22.07
N MET C 299 -13.57 -7.55 -21.45
CA MET C 299 -13.45 -8.67 -20.53
C MET C 299 -14.20 -8.41 -19.23
N PHE C 300 -14.01 -7.22 -18.65
CA PHE C 300 -14.66 -6.87 -17.40
C PHE C 300 -15.62 -5.70 -17.51
N TYR C 301 -15.53 -4.92 -18.58
CA TYR C 301 -16.53 -3.93 -18.93
C TYR C 301 -17.26 -4.41 -20.17
N ALA C 302 -18.57 -4.20 -20.21
CA ALA C 302 -19.32 -4.55 -21.41
C ALA C 302 -18.82 -3.71 -22.57
N LEU C 303 -18.59 -4.36 -23.71
CA LEU C 303 -17.94 -3.69 -24.83
C LEU C 303 -18.85 -2.62 -25.43
N THR C 304 -18.35 -1.41 -25.51
CA THR C 304 -19.05 -0.27 -26.09
C THR C 304 -17.96 0.69 -26.56
N TRP C 305 -18.30 1.55 -27.52
CA TRP C 305 -17.30 2.51 -28.00
C TRP C 305 -16.77 3.34 -26.85
N GLN C 306 -17.63 3.69 -25.88
CA GLN C 306 -17.16 4.34 -24.67
C GLN C 306 -16.21 3.43 -23.90
N THR C 307 -16.56 2.15 -23.78
CA THR C 307 -15.68 1.20 -23.10
C THR C 307 -14.39 0.98 -23.88
N HIS C 308 -14.45 0.97 -25.21
CA HIS C 308 -13.23 0.83 -25.99
C HIS C 308 -12.30 2.02 -25.80
N LEU C 309 -12.86 3.22 -25.81
CA LEU C 309 -12.04 4.40 -25.54
C LEU C 309 -11.48 4.38 -24.13
N LEU C 310 -12.27 3.90 -23.16
CA LEU C 310 -11.76 3.75 -21.80
C LEU C 310 -10.62 2.75 -21.76
N ALA C 311 -10.71 1.68 -22.55
CA ALA C 311 -9.66 0.69 -22.60
C ALA C 311 -8.38 1.26 -23.21
N VAL C 312 -8.51 2.06 -24.27
CA VAL C 312 -7.34 2.69 -24.85
C VAL C 312 -6.70 3.66 -23.86
N ALA C 313 -7.52 4.44 -23.16
CA ALA C 313 -7.00 5.35 -22.15
C ALA C 313 -6.32 4.59 -21.02
N CYS C 314 -6.92 3.48 -20.59
CA CYS C 314 -6.32 2.66 -19.55
C CYS C 314 -5.02 2.04 -20.02
N ALA C 315 -4.91 1.71 -21.30
CA ALA C 315 -3.67 1.15 -21.81
C ALA C 315 -2.58 2.20 -21.90
N PHE C 316 -2.93 3.43 -22.27
CA PHE C 316 -1.97 4.52 -22.21
C PHE C 316 -1.49 4.75 -20.78
N PHE C 317 -2.44 4.81 -19.83
CA PHE C 317 -2.10 4.92 -18.43
C PHE C 317 -1.25 3.75 -17.97
N CYS C 318 -1.50 2.57 -18.53
CA CYS C 318 -0.76 1.37 -18.13
C CYS C 318 0.69 1.44 -18.60
N ALA C 319 0.91 1.87 -19.84
CA ALA C 319 2.28 2.06 -20.32
C ALA C 319 2.98 3.12 -19.48
N TYR C 320 2.29 4.20 -19.19
CA TYR C 320 2.90 5.32 -18.51
C TYR C 320 3.29 4.93 -17.09
N LEU C 321 2.35 4.32 -16.38
CA LEU C 321 2.61 3.79 -15.05
C LEU C 321 3.57 2.61 -15.09
N GLY C 322 3.71 1.95 -16.25
CA GLY C 322 4.72 0.94 -16.39
C GLY C 322 6.11 1.53 -16.35
N SER C 323 6.31 2.64 -17.06
CA SER C 323 7.56 3.37 -16.91
C SER C 323 7.76 3.80 -15.46
N ALA C 324 6.70 4.30 -14.83
CA ALA C 324 6.79 4.73 -13.45
C ALA C 324 7.25 3.61 -12.53
N ILE C 325 6.59 2.45 -12.61
CA ILE C 325 6.90 1.34 -11.71
C ILE C 325 8.27 0.76 -12.03
N GLY C 326 8.63 0.69 -13.32
CA GLY C 326 9.96 0.23 -13.64
C GLY C 326 11.03 1.10 -13.02
N ASN C 327 10.86 2.42 -13.09
CA ASN C 327 11.86 3.31 -12.47
C ASN C 327 11.83 3.21 -10.95
N VAL C 328 10.64 3.04 -10.36
CA VAL C 328 10.54 2.94 -8.91
C VAL C 328 11.23 1.67 -8.41
N MET C 329 10.93 0.54 -9.04
CA MET C 329 11.37 -0.75 -8.56
C MET C 329 12.75 -1.14 -9.09
N SER C 330 13.32 -0.35 -10.00
CA SER C 330 14.70 -0.57 -10.40
C SER C 330 15.66 -0.31 -9.25
N ASN C 331 15.26 0.55 -8.30
CA ASN C 331 16.10 0.81 -7.14
C ASN C 331 16.28 -0.44 -6.30
N PHE C 332 15.21 -1.23 -6.15
CA PHE C 332 15.28 -2.46 -5.36
C PHE C 332 15.91 -3.61 -6.14
N GLY C 333 16.24 -3.42 -7.41
CA GLY C 333 16.72 -4.51 -8.23
C GLY C 333 15.63 -5.42 -8.74
N LEU C 334 14.43 -4.89 -8.92
CA LEU C 334 13.27 -5.65 -9.35
C LEU C 334 12.73 -5.09 -10.66
N PRO C 335 11.93 -5.88 -11.41
CA PRO C 335 11.34 -5.23 -12.59
C PRO C 335 9.84 -4.98 -12.39
N ALA C 336 9.22 -4.19 -13.25
CA ALA C 336 7.77 -3.97 -13.15
C ALA C 336 7.11 -5.10 -13.91
N CYS C 337 6.96 -6.25 -13.28
CA CYS C 337 6.44 -7.40 -14.02
C CYS C 337 5.01 -7.29 -14.56
N THR C 338 4.03 -6.90 -13.76
CA THR C 338 2.64 -6.88 -14.27
C THR C 338 1.95 -5.92 -13.35
N TRP C 339 2.67 -5.47 -12.33
CA TRP C 339 2.12 -4.44 -11.45
C TRP C 339 1.38 -3.34 -12.22
N PRO C 340 2.01 -2.75 -13.28
CA PRO C 340 1.24 -1.68 -13.92
C PRO C 340 -0.10 -2.14 -14.47
N PHE C 341 -0.16 -3.34 -15.03
CA PHE C 341 -1.44 -3.86 -15.49
C PHE C 341 -2.44 -3.91 -14.35
N CYS C 342 -2.07 -4.52 -13.23
CA CYS C 342 -2.99 -4.65 -12.12
C CYS C 342 -3.44 -3.30 -11.62
N LEU C 343 -2.48 -2.38 -11.40
CA LEU C 343 -2.84 -1.08 -10.85
C LEU C 343 -3.75 -0.31 -11.79
N SER C 344 -3.39 -0.22 -13.08
CA SER C 344 -4.19 0.53 -14.03
C SER C 344 -5.57 -0.09 -14.23
N ALA C 345 -5.63 -1.42 -14.35
CA ALA C 345 -6.91 -2.08 -14.57
C ALA C 345 -7.82 -1.92 -13.37
N LEU C 346 -7.29 -2.08 -12.16
CA LEU C 346 -8.12 -1.88 -10.98
C LEU C 346 -8.58 -0.43 -10.86
N THR C 347 -7.70 0.52 -11.18
CA THR C 347 -8.08 1.93 -11.13
C THR C 347 -9.21 2.22 -12.10
N PHE C 348 -9.12 1.73 -13.33
CA PHE C 348 -10.16 1.98 -14.31
C PHE C 348 -11.40 1.14 -14.08
N LEU C 349 -11.28 0.07 -13.31
CA LEU C 349 -12.42 -0.77 -12.97
C LEU C 349 -13.12 -0.31 -11.70
N LEU C 350 -12.52 0.61 -10.95
CA LEU C 350 -13.13 1.15 -9.75
C LEU C 350 -13.92 2.42 -9.99
N ILE C 351 -13.75 3.08 -11.14
CA ILE C 351 -14.34 4.39 -11.34
C ILE C 351 -15.85 4.30 -11.38
N THR C 352 -16.50 5.26 -10.74
CA THR C 352 -17.95 5.38 -10.75
C THR C 352 -18.34 6.45 -11.78
N THR C 353 -19.33 6.13 -12.60
CA THR C 353 -19.73 6.99 -13.69
C THR C 353 -21.25 7.08 -13.70
N GLU C 354 -21.77 8.26 -14.07
CA GLU C 354 -23.19 8.49 -14.13
C GLU C 354 -23.82 8.10 -15.47
N THR C 355 -23.04 7.57 -16.40
CA THR C 355 -23.58 7.08 -17.65
C THR C 355 -23.62 5.55 -17.63
N LYS C 356 -24.69 5.00 -18.17
CA LYS C 356 -24.90 3.56 -18.17
C LYS C 356 -24.12 2.86 -19.26
N PHE C 357 -23.53 3.59 -20.20
CA PHE C 357 -22.83 2.97 -21.31
C PHE C 357 -21.51 2.34 -20.89
N ILE C 358 -20.95 2.77 -19.76
CA ILE C 358 -19.78 2.13 -19.18
C ILE C 358 -20.29 1.17 -18.11
N HIS C 359 -20.47 -0.08 -18.49
CA HIS C 359 -21.08 -1.09 -17.62
C HIS C 359 -20.01 -2.03 -17.10
N LYS C 360 -19.89 -2.11 -15.77
CA LYS C 360 -18.94 -3.00 -15.12
C LYS C 360 -19.66 -4.31 -14.81
N LEU C 361 -19.30 -5.36 -15.52
CA LEU C 361 -19.99 -6.64 -15.38
C LEU C 361 -19.71 -7.23 -13.99
N PRO C 362 -20.70 -7.86 -13.37
CA PRO C 362 -20.42 -8.61 -12.15
C PRO C 362 -19.47 -9.76 -12.44
N LEU C 363 -18.61 -10.05 -11.46
CA LEU C 363 -17.59 -11.09 -11.64
C LEU C 363 -18.16 -12.46 -11.97
N ALA C 364 -19.32 -12.78 -11.38
CA ALA C 364 -19.93 -14.07 -11.65
C ALA C 364 -20.35 -14.20 -13.11
N LYS C 365 -20.64 -13.08 -13.77
CA LYS C 365 -21.10 -13.07 -15.16
C LYS C 365 -19.99 -12.68 -16.13
N VAL C 366 -18.74 -13.02 -15.82
CA VAL C 366 -17.60 -12.66 -16.66
C VAL C 366 -17.13 -13.89 -17.40
N ALA C 367 -17.00 -13.77 -18.72
CA ALA C 367 -16.51 -14.81 -19.59
C ALA C 367 -15.79 -14.11 -20.74
N TYR C 368 -15.54 -14.83 -21.83
CA TYR C 368 -14.86 -14.22 -22.95
C TYR C 368 -15.70 -13.07 -23.51
N PRO C 369 -15.05 -12.04 -24.06
CA PRO C 369 -15.75 -10.77 -24.30
C PRO C 369 -16.99 -10.88 -25.19
N GLU C 370 -17.01 -11.81 -26.13
CA GLU C 370 -18.19 -11.94 -26.99
C GLU C 370 -19.41 -12.39 -26.17
N GLN C 371 -19.22 -13.34 -25.25
CA GLN C 371 -20.34 -13.75 -24.41
C GLN C 371 -20.72 -12.65 -23.43
N ASN C 372 -19.75 -11.87 -22.97
CA ASN C 372 -20.09 -10.71 -22.14
C ASN C 372 -20.96 -9.74 -22.90
N LEU C 373 -20.63 -9.50 -24.18
CA LEU C 373 -21.43 -8.60 -25.00
C LEU C 373 -22.83 -9.16 -25.23
N ARG C 374 -22.94 -10.46 -25.45
CA ARG C 374 -24.27 -11.07 -25.61
C ARG C 374 -25.09 -10.94 -24.33
N TYR C 375 -24.43 -11.06 -23.18
CA TYR C 375 -25.12 -10.88 -21.91
C TYR C 375 -25.60 -9.42 -21.76
N TYR C 376 -24.74 -8.48 -22.14
CA TYR C 376 -25.09 -7.07 -22.05
C TYR C 376 -26.35 -6.82 -22.86
N TRP C 377 -26.41 -7.39 -24.06
CA TRP C 377 -27.57 -7.21 -24.91
C TRP C 377 -28.83 -7.79 -24.30
N LYS C 378 -28.71 -8.96 -23.68
CA LYS C 378 -29.86 -9.59 -23.04
C LYS C 378 -30.35 -8.70 -21.91
N MET C 379 -29.43 -8.17 -21.13
CA MET C 379 -29.80 -7.29 -20.03
C MET C 379 -30.46 -6.03 -20.57
N LYS C 380 -29.90 -5.49 -21.64
CA LYS C 380 -30.46 -4.27 -22.22
C LYS C 380 -31.87 -4.46 -22.71
N LYS C 381 -32.12 -5.54 -23.43
CA LYS C 381 -33.44 -5.75 -23.98
C LYS C 381 -34.41 -5.99 -22.88
N GLU C 382 -34.01 -6.73 -21.89
CA GLU C 382 -34.91 -7.03 -20.84
C GLU C 382 -35.26 -5.79 -20.09
N GLU C 383 -34.31 -4.92 -19.87
CA GLU C 383 -34.59 -3.69 -19.21
C GLU C 383 -35.53 -2.82 -20.01
N LYS C 384 -35.34 -2.75 -21.32
CA LYS C 384 -36.22 -1.96 -22.15
C LYS C 384 -37.62 -2.47 -22.00
N THR C 385 -37.80 -3.77 -21.79
CA THR C 385 -39.14 -4.27 -21.55
C THR C 385 -39.36 -4.56 -20.07
#